data_6NL4
#
_entry.id   6NL4
#
_cell.length_a   55.514
_cell.length_b   106.076
_cell.length_c   151.951
_cell.angle_alpha   90.000
_cell.angle_beta   90.000
_cell.angle_gamma   90.000
#
_symmetry.space_group_name_H-M   'P 21 21 21'
#
loop_
_entity.id
_entity.type
_entity.pdbx_description
1 polymer 'ATP-dependent dethiobiotin synthetase BioD'
2 non-polymer 'SULFATE ION'
3 non-polymer GEMCITABINE
4 water water
#
_entity_poly.entity_id   1
_entity_poly.type   'polypeptide(L)'
_entity_poly.pdbx_seq_one_letter_code
;HHHHHHGGTILVVTGTGTGVGKTVVCAALASAARQAGIDVAVCKPVQTGTARGDDDLAEVGRLAGVTQLAGLARYPQPMA
PAAAAEHAGMALPARDQIVRLIADLDRPGRLTLVEGAGGLLVELAEPGVTLRDVAVDVAAAALVVVTADLGTLNHTKLTL
EALAAQQVSCAGLVIGSWPDPPGLVAASNRSALARIAMVRAALPAGAASLDAGDFAAMSAAAFDRNWVAGLVG
;
_entity_poly.pdbx_strand_id   A,B,C,D
#
loop_
_chem_comp.id
_chem_comp.type
_chem_comp.name
_chem_comp.formula
GEO non-polymer GEMCITABINE 'C9 H11 F2 N3 O4'
SO4 non-polymer 'SULFATE ION' 'O4 S -2'
#
# COMPACT_ATOMS: atom_id res chain seq x y z
N GLY A 7 -0.60 -16.70 16.63
CA GLY A 7 -0.31 -15.59 17.52
C GLY A 7 -1.40 -14.54 17.55
N GLY A 8 -1.13 -13.41 18.18
CA GLY A 8 -1.99 -12.25 18.13
C GLY A 8 -1.48 -11.24 17.12
N THR A 9 -1.77 -9.97 17.40
CA THR A 9 -1.30 -8.86 16.57
C THR A 9 -0.07 -8.22 17.20
N ILE A 10 1.05 -8.22 16.46
CA ILE A 10 2.26 -7.50 16.84
C ILE A 10 2.36 -6.22 16.01
N LEU A 11 2.56 -5.09 16.67
CA LEU A 11 2.88 -3.83 16.01
C LEU A 11 4.21 -3.30 16.51
N VAL A 12 5.15 -3.02 15.58
CA VAL A 12 6.30 -2.21 16.00
C VAL A 12 5.87 -0.75 15.93
N VAL A 13 6.24 0.02 16.94
CA VAL A 13 5.95 1.45 17.03
C VAL A 13 7.28 2.16 16.89
N THR A 14 7.46 2.91 15.81
CA THR A 14 8.70 3.57 15.49
C THR A 14 8.45 5.04 15.21
N GLY A 15 9.50 5.86 15.31
CA GLY A 15 9.36 7.30 15.20
C GLY A 15 10.20 7.85 14.07
N THR A 16 9.67 8.90 13.42
CA THR A 16 10.44 9.50 12.33
C THR A 16 11.64 10.30 12.82
N GLY A 17 11.75 10.51 14.13
CA GLY A 17 12.86 11.26 14.69
C GLY A 17 12.86 11.09 16.18
N THR A 18 13.62 11.96 16.85
CA THR A 18 13.76 11.90 18.30
C THR A 18 12.71 12.76 18.97
N GLY A 19 12.17 12.26 20.08
CA GLY A 19 11.19 13.02 20.83
C GLY A 19 9.97 13.41 20.02
N VAL A 20 9.49 12.51 19.16
CA VAL A 20 8.23 12.75 18.43
C VAL A 20 7.02 12.22 19.20
N GLY A 21 7.24 11.63 20.37
CA GLY A 21 6.16 11.08 21.17
C GLY A 21 5.92 9.60 21.03
N LYS A 22 6.93 8.80 20.64
CA LYS A 22 6.76 7.35 20.52
C LYS A 22 6.15 6.75 21.79
N THR A 23 6.66 7.15 22.95
CA THR A 23 6.28 6.48 24.19
C THR A 23 4.86 6.83 24.59
N VAL A 24 4.46 8.10 24.42
CA VAL A 24 3.08 8.48 24.74
C VAL A 24 2.11 7.79 23.78
N VAL A 25 2.49 7.66 22.50
CA VAL A 25 1.64 6.93 21.57
C VAL A 25 1.49 5.47 21.99
N CYS A 26 2.58 4.82 22.40
CA CYS A 26 2.47 3.45 22.91
C CYS A 26 1.48 3.37 24.07
N ALA A 27 1.56 4.31 25.01
CA ALA A 27 0.67 4.29 26.16
C ALA A 27 -0.75 4.61 25.76
N ALA A 28 -0.92 5.52 24.80
CA ALA A 28 -2.26 5.94 24.40
C ALA A 28 -2.97 4.81 23.66
N LEU A 29 -2.27 4.15 22.73
CA LEU A 29 -2.85 3.00 22.04
C LEU A 29 -3.07 1.84 22.99
N ALA A 30 -2.12 1.59 23.90
CA ALA A 30 -2.33 0.54 24.89
C ALA A 30 -3.59 0.80 25.70
N SER A 31 -3.79 2.04 26.14
CA SER A 31 -4.95 2.38 26.96
C SER A 31 -6.26 2.25 26.18
N ALA A 32 -6.31 2.78 24.95
CA ALA A 32 -7.51 2.62 24.14
C ALA A 32 -7.84 1.16 23.91
N ALA A 33 -6.81 0.35 23.61
CA ALA A 33 -7.03 -1.07 23.36
C ALA A 33 -7.51 -1.78 24.62
N ARG A 34 -6.90 -1.49 25.78
CA ARG A 34 -7.39 -2.07 27.02
C ARG A 34 -8.86 -1.70 27.25
N GLN A 35 -9.24 -0.46 26.95
CA GLN A 35 -10.63 -0.04 27.16
C GLN A 35 -11.59 -0.69 26.18
N ALA A 36 -11.08 -1.22 25.07
CA ALA A 36 -11.87 -2.06 24.19
C ALA A 36 -11.80 -3.54 24.57
N GLY A 37 -11.20 -3.86 25.72
CA GLY A 37 -11.16 -5.21 26.23
C GLY A 37 -10.07 -6.07 25.64
N ILE A 38 -9.03 -5.45 25.09
CA ILE A 38 -7.94 -6.17 24.44
C ILE A 38 -6.79 -6.36 25.43
N ASP A 39 -6.39 -7.61 25.59
CA ASP A 39 -5.14 -7.99 26.24
C ASP A 39 -3.96 -7.27 25.56
N VAL A 40 -3.29 -6.38 26.30
CA VAL A 40 -2.21 -5.55 25.77
C VAL A 40 -0.91 -5.85 26.51
N ALA A 41 0.15 -6.11 25.75
CA ALA A 41 1.51 -6.10 26.27
C ALA A 41 2.34 -5.04 25.55
N VAL A 42 3.24 -4.37 26.28
CA VAL A 42 4.18 -3.41 25.72
C VAL A 42 5.61 -3.90 25.92
N CYS A 43 6.39 -3.84 24.85
CA CYS A 43 7.72 -4.40 24.82
C CYS A 43 8.69 -3.34 24.34
N LYS A 44 9.80 -3.17 25.06
CA LYS A 44 10.85 -2.20 24.71
C LYS A 44 12.17 -2.96 24.75
N PRO A 45 12.56 -3.61 23.65
CA PRO A 45 13.72 -4.51 23.73
C PRO A 45 15.05 -3.82 23.98
N VAL A 46 15.22 -2.56 23.56
CA VAL A 46 16.43 -1.80 23.83
C VAL A 46 16.05 -0.45 24.42
N GLN A 47 16.47 -0.20 25.66
CA GLN A 47 16.26 1.06 26.37
C GLN A 47 17.62 1.72 26.59
N THR A 48 17.79 2.92 26.05
CA THR A 48 19.01 3.68 26.31
C THR A 48 18.71 4.81 27.29
N GLY A 49 19.78 5.50 27.70
CA GLY A 49 19.60 6.65 28.57
C GLY A 49 19.16 6.35 29.99
N THR A 50 19.37 5.13 30.48
CA THR A 50 18.91 4.79 31.82
C THR A 50 19.67 5.57 32.89
N ALA A 51 20.93 5.94 32.63
CA ALA A 51 21.63 6.75 33.62
C ALA A 51 21.05 8.15 33.75
N ARG A 52 20.20 8.57 32.82
CA ARG A 52 19.49 9.85 32.91
C ARG A 52 18.06 9.70 33.42
N GLY A 53 17.65 8.48 33.77
CA GLY A 53 16.31 8.21 34.24
C GLY A 53 15.32 7.80 33.17
N ASP A 54 15.75 7.69 31.91
CA ASP A 54 14.85 7.25 30.84
C ASP A 54 14.39 5.83 31.09
N ASP A 55 13.08 5.63 31.06
CA ASP A 55 12.51 4.29 31.15
C ASP A 55 11.12 4.37 30.53
N ASP A 56 11.04 4.05 29.23
CA ASP A 56 9.77 4.16 28.49
C ASP A 56 8.74 3.17 28.99
N LEU A 57 9.13 1.95 29.32
CA LEU A 57 8.18 1.00 29.89
C LEU A 57 7.52 1.55 31.16
N ALA A 58 8.33 2.10 32.07
CA ALA A 58 7.79 2.64 33.30
C ALA A 58 6.81 3.77 33.02
N GLU A 59 7.16 4.68 32.09
CA GLU A 59 6.22 5.74 31.76
C GLU A 59 4.92 5.19 31.17
N VAL A 60 5.01 4.10 30.38
CA VAL A 60 3.79 3.51 29.82
C VAL A 60 2.89 2.98 30.93
N GLY A 61 3.46 2.24 31.88
CA GLY A 61 2.67 1.77 33.01
C GLY A 61 2.07 2.91 33.80
N ARG A 62 2.85 3.98 34.04
N ARG A 62 2.84 3.99 34.00
CA ARG A 62 2.33 5.15 34.72
CA ARG A 62 2.32 5.15 34.73
C ARG A 62 1.13 5.72 33.97
C ARG A 62 1.14 5.76 33.99
N LEU A 63 1.32 6.07 32.70
CA LEU A 63 0.28 6.78 31.95
C LEU A 63 -0.94 5.91 31.69
N ALA A 64 -0.74 4.65 31.30
CA ALA A 64 -1.83 3.81 30.84
C ALA A 64 -2.19 2.68 31.81
N GLY A 65 -1.41 2.45 32.85
CA GLY A 65 -1.74 1.40 33.79
C GLY A 65 -1.41 0.01 33.30
N VAL A 66 -0.63 -0.13 32.24
CA VAL A 66 -0.24 -1.44 31.73
C VAL A 66 0.73 -2.10 32.71
N THR A 67 0.47 -3.37 33.05
CA THR A 67 1.45 -4.15 33.81
C THR A 67 2.20 -5.17 32.98
N GLN A 68 1.71 -5.56 31.81
CA GLN A 68 2.42 -6.53 30.98
C GLN A 68 3.49 -5.78 30.16
N LEU A 69 4.61 -5.51 30.82
CA LEU A 69 5.71 -4.74 30.28
C LEU A 69 6.94 -5.64 30.22
N ALA A 70 7.65 -5.61 29.10
CA ALA A 70 8.78 -6.50 28.91
C ALA A 70 9.94 -5.69 28.36
N GLY A 71 11.05 -5.66 29.10
CA GLY A 71 12.29 -5.11 28.62
C GLY A 71 13.31 -6.21 28.37
N LEU A 72 14.49 -5.77 27.96
CA LEU A 72 15.57 -6.70 27.73
C LEU A 72 16.91 -6.01 27.95
N ALA A 73 17.30 -5.13 27.05
CA ALA A 73 18.58 -4.47 27.17
C ALA A 73 18.37 -3.05 27.69
N ARG A 74 19.28 -2.62 28.57
CA ARG A 74 19.27 -1.31 29.17
C ARG A 74 20.69 -0.76 29.15
N TYR A 75 20.86 0.45 28.59
CA TYR A 75 22.16 1.11 28.49
C TYR A 75 22.13 2.50 29.13
N PRO A 76 23.19 2.87 29.84
CA PRO A 76 23.16 4.12 30.63
C PRO A 76 23.05 5.38 29.80
N GLN A 77 23.89 5.51 28.74
CA GLN A 77 24.04 6.78 28.05
C GLN A 77 22.86 7.05 27.11
N PRO A 78 22.45 8.31 26.97
CA PRO A 78 21.34 8.66 26.05
C PRO A 78 21.82 8.86 24.62
N MET A 79 22.20 7.75 23.98
CA MET A 79 22.72 7.73 22.62
C MET A 79 21.98 6.64 21.84
N ALA A 80 22.34 6.47 20.58
CA ALA A 80 21.83 5.34 19.81
C ALA A 80 22.30 4.04 20.44
N PRO A 81 21.50 2.97 20.37
CA PRO A 81 21.85 1.70 21.02
C PRO A 81 23.30 1.22 20.81
N ALA A 82 23.83 1.28 19.58
CA ALA A 82 25.18 0.78 19.34
C ALA A 82 26.22 1.60 20.09
N ALA A 83 26.09 2.93 20.07
CA ALA A 83 27.03 3.78 20.78
C ALA A 83 26.82 3.71 22.30
N ALA A 84 25.56 3.61 22.74
CA ALA A 84 25.32 3.48 24.17
C ALA A 84 25.87 2.15 24.71
N ALA A 85 25.77 1.08 23.93
CA ALA A 85 26.34 -0.20 24.36
C ALA A 85 27.85 -0.11 24.48
N GLU A 86 28.50 0.38 23.40
CA GLU A 86 29.95 0.51 23.40
C GLU A 86 30.45 1.39 24.53
N HIS A 87 29.76 2.51 24.79
CA HIS A 87 30.21 3.42 25.85
C HIS A 87 30.26 2.72 27.20
N ALA A 88 29.34 1.78 27.44
CA ALA A 88 29.28 1.02 28.68
C ALA A 88 30.11 -0.25 28.61
N GLY A 89 30.81 -0.50 27.52
CA GLY A 89 31.55 -1.75 27.39
C GLY A 89 30.63 -2.96 27.35
N MET A 90 29.49 -2.83 26.68
CA MET A 90 28.48 -3.89 26.60
C MET A 90 28.19 -4.20 25.13
N ALA A 91 27.60 -5.37 24.92
CA ALA A 91 27.18 -5.79 23.59
C ALA A 91 25.70 -5.48 23.42
N LEU A 92 25.30 -5.27 22.16
CA LEU A 92 23.89 -5.29 21.80
C LEU A 92 23.33 -6.70 21.97
N PRO A 93 22.01 -6.83 22.12
CA PRO A 93 21.42 -8.17 22.16
C PRO A 93 21.59 -8.87 20.82
N ALA A 94 21.45 -10.19 20.85
CA ALA A 94 21.39 -10.92 19.60
C ALA A 94 19.99 -10.81 19.01
N ARG A 95 19.86 -11.14 17.72
CA ARG A 95 18.56 -11.09 17.06
C ARG A 95 17.54 -11.97 17.78
N ASP A 96 17.89 -13.24 18.01
CA ASP A 96 16.90 -14.14 18.60
C ASP A 96 16.55 -13.74 20.02
N GLN A 97 17.38 -12.93 20.68
CA GLN A 97 16.98 -12.47 22.00
C GLN A 97 15.82 -11.47 21.94
N ILE A 98 15.83 -10.57 20.95
CA ILE A 98 14.67 -9.70 20.75
C ILE A 98 13.50 -10.51 20.21
N VAL A 99 13.77 -11.39 19.24
CA VAL A 99 12.67 -12.09 18.58
C VAL A 99 11.95 -13.02 19.57
N ARG A 100 12.70 -13.73 20.42
CA ARG A 100 12.07 -14.63 21.39
C ARG A 100 11.28 -13.84 22.44
N LEU A 101 11.81 -12.68 22.84
CA LEU A 101 11.07 -11.84 23.78
C LEU A 101 9.69 -11.51 23.25
N ILE A 102 9.61 -11.18 21.97
CA ILE A 102 8.34 -10.81 21.35
C ILE A 102 7.46 -12.04 21.14
N ALA A 103 8.05 -13.11 20.61
CA ALA A 103 7.31 -14.35 20.38
C ALA A 103 6.71 -14.90 21.68
N ASP A 104 7.41 -14.74 22.81
CA ASP A 104 6.86 -15.25 24.07
C ASP A 104 5.67 -14.42 24.53
N LEU A 105 5.70 -13.11 24.29
CA LEU A 105 4.56 -12.26 24.64
C LEU A 105 3.39 -12.53 23.70
N ASP A 106 3.67 -12.72 22.41
CA ASP A 106 2.62 -12.83 21.40
C ASP A 106 1.74 -14.04 21.68
N ARG A 107 0.44 -13.85 21.49
CA ARG A 107 -0.53 -14.90 21.76
C ARG A 107 -1.89 -14.43 21.23
N PRO A 108 -2.77 -15.36 20.88
CA PRO A 108 -4.07 -14.97 20.32
C PRO A 108 -4.84 -14.06 21.26
N GLY A 109 -5.56 -13.10 20.68
CA GLY A 109 -6.28 -12.11 21.44
C GLY A 109 -5.42 -10.97 21.95
N ARG A 110 -4.10 -11.05 21.84
CA ARG A 110 -3.23 -10.04 22.43
C ARG A 110 -2.74 -9.03 21.37
N LEU A 111 -2.67 -7.77 21.77
CA LEU A 111 -1.95 -6.72 21.03
C LEU A 111 -0.58 -6.53 21.70
N THR A 112 0.48 -6.87 21.00
CA THR A 112 1.84 -6.65 21.50
C THR A 112 2.44 -5.49 20.73
N LEU A 113 2.72 -4.40 21.45
CA LEU A 113 3.33 -3.20 20.90
C LEU A 113 4.81 -3.26 21.19
N VAL A 114 5.64 -3.14 20.15
CA VAL A 114 7.09 -3.21 20.28
C VAL A 114 7.65 -1.82 19.99
N GLU A 115 8.07 -1.11 21.03
CA GLU A 115 8.57 0.25 20.85
C GLU A 115 10.06 0.22 20.48
N GLY A 116 10.40 0.85 19.35
CA GLY A 116 11.79 0.94 18.94
C GLY A 116 12.59 1.91 19.80
N ALA A 117 13.88 2.00 19.45
CA ALA A 117 14.82 2.89 20.13
C ALA A 117 15.61 3.61 19.05
N GLY A 118 15.22 4.85 18.76
CA GLY A 118 15.99 5.71 17.86
C GLY A 118 15.86 5.49 16.36
N GLY A 119 14.63 5.34 15.87
CA GLY A 119 14.40 5.30 14.43
C GLY A 119 14.40 3.89 13.85
N LEU A 120 13.77 3.77 12.66
CA LEU A 120 13.52 2.46 12.03
C LEU A 120 14.81 1.71 11.68
N LEU A 121 15.83 2.42 11.20
CA LEU A 121 17.02 1.78 10.65
C LEU A 121 18.21 1.80 11.61
N VAL A 122 18.02 2.23 12.85
CA VAL A 122 19.14 2.25 13.78
C VAL A 122 19.42 0.82 14.24
N GLU A 123 20.70 0.49 14.47
CA GLU A 123 21.05 -0.88 14.80
C GLU A 123 20.54 -1.23 16.19
N LEU A 124 19.74 -2.29 16.28
CA LEU A 124 19.09 -2.70 17.53
C LEU A 124 19.72 -3.93 18.15
N ALA A 125 20.11 -4.89 17.32
CA ALA A 125 20.71 -6.13 17.75
C ALA A 125 21.93 -6.38 16.89
N GLU A 126 22.92 -7.07 17.48
CA GLU A 126 24.09 -7.31 16.67
C GLU A 126 23.94 -8.60 15.87
N PRO A 127 24.46 -8.63 14.63
CA PRO A 127 25.09 -7.49 13.96
C PRO A 127 24.20 -6.82 12.92
N GLY A 128 24.02 -5.50 13.03
CA GLY A 128 23.28 -4.77 12.02
C GLY A 128 21.80 -5.10 11.90
N VAL A 129 21.20 -5.72 12.91
CA VAL A 129 19.77 -5.99 12.87
C VAL A 129 19.02 -4.76 13.35
N THR A 130 18.04 -4.30 12.55
CA THR A 130 17.25 -3.11 12.83
C THR A 130 15.84 -3.51 13.26
N LEU A 131 15.04 -2.49 13.60
CA LEU A 131 13.64 -2.74 13.93
C LEU A 131 12.87 -3.22 12.71
N ARG A 132 13.28 -2.79 11.51
CA ARG A 132 12.65 -3.31 10.29
C ARG A 132 12.90 -4.81 10.14
N ASP A 133 14.15 -5.25 10.34
CA ASP A 133 14.46 -6.68 10.31
C ASP A 133 13.62 -7.46 11.33
N VAL A 134 13.44 -6.91 12.54
CA VAL A 134 12.65 -7.61 13.56
C VAL A 134 11.20 -7.73 13.10
N ALA A 135 10.64 -6.64 12.57
CA ALA A 135 9.27 -6.65 12.09
C ALA A 135 9.07 -7.65 10.98
N VAL A 136 10.07 -7.79 10.08
CA VAL A 136 10.01 -8.85 9.09
C VAL A 136 9.94 -10.22 9.78
N ASP A 137 10.84 -10.48 10.73
CA ASP A 137 10.90 -11.81 11.35
C ASP A 137 9.60 -12.17 12.04
N VAL A 138 8.94 -11.22 12.69
CA VAL A 138 7.73 -11.56 13.43
C VAL A 138 6.47 -11.16 12.68
N ALA A 139 6.59 -10.83 11.39
CA ALA A 139 5.43 -10.44 10.57
C ALA A 139 4.57 -9.40 11.27
N ALA A 140 5.23 -8.39 11.82
CA ALA A 140 4.55 -7.23 12.41
C ALA A 140 4.46 -6.12 11.38
N ALA A 141 3.34 -5.40 11.42
CA ALA A 141 3.19 -4.11 10.77
C ALA A 141 3.81 -3.03 11.64
N ALA A 142 4.04 -1.86 11.04
CA ALA A 142 4.69 -0.73 11.70
C ALA A 142 3.72 0.44 11.82
N LEU A 143 3.50 0.92 13.06
CA LEU A 143 2.87 2.21 13.33
C LEU A 143 3.96 3.28 13.41
N VAL A 144 3.81 4.35 12.64
CA VAL A 144 4.86 5.35 12.47
C VAL A 144 4.45 6.64 13.19
N VAL A 145 5.23 7.05 14.16
CA VAL A 145 4.91 8.23 14.95
C VAL A 145 5.64 9.41 14.34
N VAL A 146 4.93 10.52 14.13
CA VAL A 146 5.44 11.66 13.38
C VAL A 146 5.04 12.95 14.09
N THR A 147 5.64 14.07 13.64
CA THR A 147 5.30 15.44 14.03
C THR A 147 4.50 16.10 12.92
N ALA A 148 3.97 17.28 13.23
CA ALA A 148 3.33 18.14 12.25
C ALA A 148 4.20 19.32 11.83
N ASP A 149 5.48 19.33 12.21
CA ASP A 149 6.38 20.43 11.89
C ASP A 149 7.10 20.22 10.56
N LEU A 150 7.53 21.32 9.95
CA LEU A 150 8.35 21.31 8.74
C LEU A 150 9.46 20.27 8.85
N GLY A 151 9.61 19.46 7.79
CA GLY A 151 10.52 18.35 7.77
C GLY A 151 9.84 17.00 7.90
N THR A 152 8.60 16.99 8.40
CA THR A 152 7.89 15.75 8.64
C THR A 152 7.55 15.01 7.35
N LEU A 153 7.28 15.74 6.27
CA LEU A 153 6.78 15.03 5.09
C LEU A 153 7.89 14.18 4.49
N ASN A 154 9.10 14.75 4.39
CA ASN A 154 10.26 13.99 3.94
C ASN A 154 10.58 12.83 4.88
N HIS A 155 10.65 13.11 6.18
CA HIS A 155 10.94 12.06 7.16
C HIS A 155 9.92 10.94 7.06
N THR A 156 8.64 11.29 6.86
CA THR A 156 7.63 10.26 6.78
C THR A 156 7.72 9.47 5.49
N LYS A 157 8.03 10.14 4.38
CA LYS A 157 8.11 9.43 3.12
C LYS A 157 9.33 8.53 3.07
N LEU A 158 10.45 8.98 3.64
CA LEU A 158 11.62 8.12 3.78
C LEU A 158 11.29 6.87 4.58
N THR A 159 10.56 7.03 5.68
CA THR A 159 10.19 5.92 6.54
C THR A 159 9.29 4.94 5.80
N LEU A 160 8.27 5.46 5.11
CA LEU A 160 7.35 4.55 4.41
C LEU A 160 8.09 3.81 3.31
N GLU A 161 8.97 4.49 2.58
CA GLU A 161 9.67 3.82 1.51
C GLU A 161 10.58 2.73 2.05
N ALA A 162 11.24 2.98 3.20
CA ALA A 162 12.04 1.91 3.80
C ALA A 162 11.19 0.75 4.28
N LEU A 163 9.99 1.04 4.80
CA LEU A 163 9.09 -0.06 5.19
C LEU A 163 8.73 -0.91 3.98
N ALA A 164 8.34 -0.27 2.87
CA ALA A 164 7.83 -0.99 1.71
C ALA A 164 8.95 -1.75 1.02
N ALA A 165 10.19 -1.26 1.11
CA ALA A 165 11.34 -1.98 0.53
C ALA A 165 11.51 -3.37 1.12
N GLN A 166 11.05 -3.62 2.33
CA GLN A 166 11.12 -4.95 2.90
C GLN A 166 9.73 -5.54 3.13
N GLN A 167 8.71 -4.99 2.48
N GLN A 167 8.71 -4.96 2.51
CA GLN A 167 7.34 -5.50 2.57
CA GLN A 167 7.34 -5.50 2.55
C GLN A 167 6.88 -5.59 4.02
C GLN A 167 6.77 -5.52 3.97
N VAL A 168 7.13 -4.54 4.80
CA VAL A 168 6.54 -4.37 6.12
C VAL A 168 5.35 -3.43 5.97
N SER A 169 4.16 -3.93 6.27
N SER A 169 4.16 -3.92 6.29
CA SER A 169 2.95 -3.13 6.10
CA SER A 169 2.95 -3.14 6.11
C SER A 169 2.95 -1.94 7.05
C SER A 169 2.95 -1.93 7.06
N CYS A 170 2.55 -0.78 6.53
CA CYS A 170 2.37 0.38 7.37
C CYS A 170 0.98 0.34 8.00
N ALA A 171 0.93 0.30 9.34
CA ALA A 171 -0.34 0.30 10.05
C ALA A 171 -0.97 1.69 10.14
N GLY A 172 -0.29 2.72 9.67
CA GLY A 172 -0.77 4.09 9.74
C GLY A 172 0.21 5.00 10.48
N LEU A 173 -0.18 6.27 10.55
CA LEU A 173 0.57 7.29 11.26
C LEU A 173 -0.15 7.72 12.53
N VAL A 174 0.63 8.21 13.48
CA VAL A 174 0.13 8.93 14.65
C VAL A 174 0.97 10.18 14.82
N ILE A 175 0.31 11.33 14.86
CA ILE A 175 0.96 12.58 15.21
C ILE A 175 1.10 12.58 16.73
N GLY A 176 2.35 12.46 17.20
CA GLY A 176 2.58 12.23 18.62
C GLY A 176 2.28 13.42 19.50
N SER A 177 2.42 14.63 18.97
CA SER A 177 2.07 15.84 19.70
C SER A 177 1.38 16.82 18.75
N TRP A 178 0.16 17.19 19.09
CA TRP A 178 -0.71 18.01 18.27
C TRP A 178 -1.06 19.28 19.03
N PRO A 179 -0.77 20.46 18.51
CA PRO A 179 -0.94 21.69 19.30
C PRO A 179 -2.39 22.19 19.30
N ASP A 180 -2.73 22.91 20.35
CA ASP A 180 -4.05 23.55 20.46
C ASP A 180 -3.90 25.02 20.79
N PRO A 181 -4.12 25.92 19.82
CA PRO A 181 -4.63 25.55 18.50
C PRO A 181 -3.52 25.14 17.52
N PRO A 182 -3.88 24.38 16.49
CA PRO A 182 -2.91 24.12 15.42
C PRO A 182 -2.67 25.37 14.61
N GLY A 183 -1.40 25.63 14.30
CA GLY A 183 -1.08 26.71 13.41
C GLY A 183 -1.28 26.31 11.95
N LEU A 184 -1.00 27.29 11.08
CA LEU A 184 -1.14 27.08 9.65
C LEU A 184 -0.26 25.93 9.16
N VAL A 185 1.03 25.96 9.54
CA VAL A 185 1.98 24.93 9.10
C VAL A 185 1.53 23.55 9.57
N ALA A 186 1.17 23.45 10.85
CA ALA A 186 0.65 22.20 11.41
C ALA A 186 -0.59 21.69 10.69
N ALA A 187 -1.52 22.59 10.34
CA ALA A 187 -2.73 22.12 9.68
C ALA A 187 -2.42 21.65 8.27
N SER A 188 -1.59 22.40 7.56
CA SER A 188 -1.23 22.00 6.19
C SER A 188 -0.48 20.68 6.20
N ASN A 189 0.44 20.50 7.16
CA ASN A 189 1.19 19.25 7.21
C ASN A 189 0.31 18.06 7.55
N ARG A 190 -0.63 18.21 8.49
CA ARG A 190 -1.53 17.11 8.80
C ARG A 190 -2.35 16.71 7.58
N SER A 191 -2.83 17.70 6.83
N SER A 191 -2.84 17.71 6.83
CA SER A 191 -3.57 17.43 5.59
CA SER A 191 -3.57 17.42 5.59
C SER A 191 -2.72 16.62 4.62
C SER A 191 -2.72 16.61 4.63
N ALA A 192 -1.46 17.02 4.43
CA ALA A 192 -0.58 16.31 3.51
C ALA A 192 -0.22 14.93 4.03
N LEU A 193 -0.01 14.79 5.34
CA LEU A 193 0.25 13.48 5.94
C LEU A 193 -0.90 12.51 5.67
N ALA A 194 -2.14 12.97 5.84
CA ALA A 194 -3.27 12.10 5.62
C ALA A 194 -3.39 11.68 4.15
N ARG A 195 -2.75 12.38 3.22
CA ARG A 195 -2.79 11.91 1.83
C ARG A 195 -1.77 10.82 1.56
N ILE A 196 -0.72 10.76 2.39
N ILE A 196 -0.72 10.70 2.36
CA ILE A 196 0.32 9.74 2.29
CA ILE A 196 0.22 9.61 2.13
C ILE A 196 -0.15 8.44 2.94
C ILE A 196 -0.07 8.39 2.99
N ALA A 197 -0.78 8.53 4.10
CA ALA A 197 -1.18 7.37 4.87
C ALA A 197 -2.37 7.71 5.75
N MET A 198 -2.92 6.67 6.39
CA MET A 198 -3.97 6.86 7.38
C MET A 198 -3.40 7.48 8.65
N VAL A 199 -3.99 8.60 9.07
CA VAL A 199 -3.63 9.24 10.33
C VAL A 199 -4.55 8.67 11.39
N ARG A 200 -4.03 7.77 12.23
CA ARG A 200 -4.86 7.08 13.19
C ARG A 200 -5.23 7.97 14.36
N ALA A 201 -4.40 8.97 14.65
CA ALA A 201 -4.63 9.80 15.82
C ALA A 201 -3.65 10.95 15.77
N ALA A 202 -3.98 11.99 16.52
CA ALA A 202 -3.12 13.16 16.73
C ALA A 202 -3.26 13.49 18.21
N LEU A 203 -2.28 13.15 18.98
CA LEU A 203 -2.44 13.21 20.44
C LEU A 203 -2.22 14.64 20.93
N PRO A 204 -3.11 15.17 21.77
CA PRO A 204 -2.94 16.55 22.25
C PRO A 204 -1.59 16.73 22.92
N ALA A 205 -0.97 17.88 22.67
CA ALA A 205 0.25 18.24 23.37
C ALA A 205 0.04 18.17 24.89
N GLY A 206 1.10 17.80 25.60
CA GLY A 206 1.05 17.70 27.05
C GLY A 206 0.30 16.50 27.60
N ALA A 207 0.07 15.47 26.78
CA ALA A 207 -0.63 14.29 27.27
C ALA A 207 0.14 13.59 28.40
N ALA A 208 1.47 13.73 28.43
CA ALA A 208 2.24 13.03 29.46
C ALA A 208 1.95 13.55 30.86
N SER A 209 1.40 14.75 30.99
N SER A 209 1.40 14.76 30.97
CA SER A 209 1.08 15.33 32.28
CA SER A 209 1.07 15.36 32.26
C SER A 209 -0.35 15.04 32.72
C SER A 209 -0.35 15.04 32.72
N LEU A 210 -1.12 14.31 31.93
CA LEU A 210 -2.45 13.89 32.36
C LEU A 210 -2.34 12.79 33.41
N ASP A 211 -3.32 12.74 34.31
CA ASP A 211 -3.36 11.63 35.24
C ASP A 211 -4.03 10.43 34.58
N ALA A 212 -4.18 9.35 35.34
CA ALA A 212 -4.66 8.10 34.78
C ALA A 212 -6.01 8.27 34.09
N GLY A 213 -6.94 8.95 34.73
CA GLY A 213 -8.29 9.05 34.20
C GLY A 213 -8.40 9.97 33.00
N ASP A 214 -7.71 11.11 33.06
CA ASP A 214 -7.67 12.01 31.91
C ASP A 214 -6.93 11.37 30.74
N PHE A 215 -5.85 10.65 31.02
CA PHE A 215 -5.09 10.02 29.94
C PHE A 215 -5.91 8.94 29.27
N ALA A 216 -6.66 8.16 30.05
CA ALA A 216 -7.49 7.10 29.47
C ALA A 216 -8.59 7.70 28.59
N ALA A 217 -9.11 8.86 28.99
CA ALA A 217 -10.20 9.45 28.22
C ALA A 217 -9.66 10.07 26.95
N MET A 218 -8.54 10.77 27.05
CA MET A 218 -7.83 11.24 25.86
C MET A 218 -7.60 10.08 24.90
N SER A 219 -7.11 8.95 25.42
CA SER A 219 -6.75 7.80 24.57
C SER A 219 -7.97 7.20 23.88
N ALA A 220 -9.08 7.09 24.60
CA ALA A 220 -10.29 6.55 23.99
C ALA A 220 -10.83 7.47 22.90
N ALA A 221 -10.73 8.79 23.10
CA ALA A 221 -11.18 9.74 22.08
C ALA A 221 -10.19 9.92 20.92
N ALA A 222 -8.94 9.50 21.08
CA ALA A 222 -7.92 9.87 20.11
C ALA A 222 -7.94 8.96 18.88
N PHE A 223 -8.31 7.70 19.06
CA PHE A 223 -8.31 6.72 17.98
C PHE A 223 -9.73 6.43 17.52
N ASP A 224 -9.86 6.02 16.26
CA ASP A 224 -11.14 5.50 15.80
C ASP A 224 -11.45 4.19 16.51
N ARG A 225 -12.61 4.13 17.17
CA ARG A 225 -13.04 2.94 17.90
C ARG A 225 -12.97 1.68 17.03
N ASN A 226 -13.45 1.78 15.78
CA ASN A 226 -13.51 0.61 14.92
C ASN A 226 -12.13 0.12 14.52
N TRP A 227 -11.18 1.04 14.33
CA TRP A 227 -9.82 0.61 14.01
C TRP A 227 -9.19 -0.11 15.20
N VAL A 228 -9.26 0.48 16.39
CA VAL A 228 -8.65 -0.14 17.56
C VAL A 228 -9.26 -1.52 17.81
N ALA A 229 -10.59 -1.62 17.72
CA ALA A 229 -11.25 -2.91 17.94
C ALA A 229 -10.86 -3.94 16.88
N GLY A 230 -10.58 -3.51 15.65
CA GLY A 230 -10.22 -4.46 14.63
C GLY A 230 -8.77 -4.88 14.63
N LEU A 231 -7.96 -4.33 15.52
CA LEU A 231 -6.53 -4.66 15.55
C LEU A 231 -6.29 -6.12 15.89
N VAL A 232 -7.14 -6.70 16.75
CA VAL A 232 -7.01 -8.07 17.21
C VAL A 232 -8.33 -8.77 16.94
N GLY A 233 -8.27 -9.99 16.40
CA GLY A 233 -9.46 -10.77 16.11
C GLY A 233 -9.86 -11.76 17.20
N GLY B 7 29.09 18.31 -20.57
CA GLY B 7 28.85 19.25 -19.49
C GLY B 7 29.87 19.16 -18.37
N GLY B 8 29.53 19.72 -17.21
CA GLY B 8 30.42 19.67 -16.06
C GLY B 8 29.91 18.74 -14.98
N THR B 9 29.86 19.22 -13.75
CA THR B 9 29.41 18.42 -12.61
C THR B 9 28.19 19.07 -11.97
N ILE B 10 27.09 18.30 -11.88
CA ILE B 10 25.89 18.69 -11.15
C ILE B 10 25.82 17.84 -9.89
N LEU B 11 25.77 18.50 -8.74
CA LEU B 11 25.46 17.87 -7.46
C LEU B 11 24.15 18.43 -6.95
N VAL B 12 23.23 17.55 -6.45
CA VAL B 12 22.13 18.07 -5.64
C VAL B 12 22.59 18.07 -4.19
N VAL B 13 22.22 19.12 -3.46
CA VAL B 13 22.53 19.26 -2.04
C VAL B 13 21.21 19.19 -1.29
N THR B 14 21.10 18.21 -0.38
CA THR B 14 19.83 17.89 0.24
C THR B 14 20.07 17.64 1.73
N GLY B 15 19.13 18.08 2.56
CA GLY B 15 19.28 18.04 4.00
C GLY B 15 18.44 16.91 4.61
N THR B 16 19.00 16.26 5.62
CA THR B 16 18.28 15.19 6.34
C THR B 16 17.24 15.75 7.30
N GLY B 17 17.01 17.05 7.26
CA GLY B 17 16.09 17.74 8.14
C GLY B 17 16.10 19.21 7.79
N THR B 18 15.29 19.98 8.51
CA THR B 18 15.28 21.42 8.27
C THR B 18 16.14 22.11 9.33
N GLY B 19 16.67 23.28 8.97
CA GLY B 19 17.56 23.97 9.90
C GLY B 19 18.82 23.16 10.15
N VAL B 20 19.35 22.56 9.09
CA VAL B 20 20.44 21.62 9.16
C VAL B 20 21.75 22.23 8.62
N GLY B 21 21.69 23.41 8.02
CA GLY B 21 22.85 24.04 7.43
C GLY B 21 23.02 23.80 5.95
N LYS B 22 21.95 23.43 5.24
CA LYS B 22 22.09 23.11 3.83
C LYS B 22 22.55 24.32 3.01
N THR B 23 22.03 25.51 3.32
CA THR B 23 22.47 26.70 2.58
C THR B 23 23.94 27.00 2.84
N VAL B 24 24.36 27.03 4.11
CA VAL B 24 25.75 27.35 4.41
C VAL B 24 26.67 26.29 3.83
N VAL B 25 26.21 25.04 3.75
CA VAL B 25 27.00 24.01 3.07
C VAL B 25 27.12 24.31 1.58
N CYS B 26 26.03 24.78 0.94
CA CYS B 26 26.15 25.18 -0.46
C CYS B 26 27.16 26.33 -0.61
N ALA B 27 27.09 27.32 0.29
CA ALA B 27 28.00 28.46 0.23
C ALA B 27 29.43 28.02 0.47
N ALA B 28 29.65 27.12 1.43
CA ALA B 28 31.00 26.71 1.78
C ALA B 28 31.63 25.89 0.68
N LEU B 29 30.88 24.95 0.08
CA LEU B 29 31.43 24.21 -1.04
C LEU B 29 31.63 25.09 -2.27
N ALA B 30 30.74 26.06 -2.49
CA ALA B 30 30.94 26.99 -3.60
C ALA B 30 32.20 27.83 -3.36
N SER B 31 32.40 28.28 -2.11
CA SER B 31 33.59 29.05 -1.80
C SER B 31 34.85 28.22 -1.98
N ALA B 32 34.83 26.98 -1.51
CA ALA B 32 36.02 26.14 -1.65
C ALA B 32 36.30 25.87 -3.11
N ALA B 33 35.26 25.55 -3.89
CA ALA B 33 35.45 25.27 -5.31
C ALA B 33 35.93 26.52 -6.06
N ARG B 34 35.41 27.70 -5.72
CA ARG B 34 35.89 28.92 -6.36
C ARG B 34 37.37 29.16 -6.03
N GLN B 35 37.78 28.93 -4.78
CA GLN B 35 39.17 29.13 -4.40
C GLN B 35 40.10 28.15 -5.10
N ALA B 36 39.61 26.99 -5.53
CA ALA B 36 40.40 26.10 -6.36
C ALA B 36 40.28 26.42 -7.85
N GLY B 37 39.77 27.60 -8.20
CA GLY B 37 39.68 28.00 -9.58
C GLY B 37 38.59 27.35 -10.40
N ILE B 38 37.54 26.83 -9.75
CA ILE B 38 36.43 26.20 -10.45
C ILE B 38 35.30 27.23 -10.56
N ASP B 39 34.66 27.27 -11.72
CA ASP B 39 33.45 28.07 -11.92
C ASP B 39 32.26 27.38 -11.25
N VAL B 40 31.43 28.15 -10.54
CA VAL B 40 30.37 27.61 -9.68
C VAL B 40 29.04 28.33 -9.94
N ALA B 41 27.97 27.55 -10.14
CA ALA B 41 26.59 28.06 -10.15
C ALA B 41 25.79 27.35 -9.07
N VAL B 42 24.90 28.08 -8.41
CA VAL B 42 23.98 27.48 -7.44
C VAL B 42 22.55 27.75 -7.90
N CYS B 43 21.73 26.71 -7.87
CA CYS B 43 20.35 26.76 -8.30
C CYS B 43 19.44 26.37 -7.15
N LYS B 44 18.51 27.24 -6.82
CA LYS B 44 17.49 26.98 -5.80
C LYS B 44 16.16 27.08 -6.53
N PRO B 45 15.69 25.99 -7.16
CA PRO B 45 14.52 26.09 -8.04
C PRO B 45 13.30 26.64 -7.33
N VAL B 46 13.06 26.19 -6.10
CA VAL B 46 11.93 26.64 -5.30
C VAL B 46 12.46 27.12 -3.95
N GLN B 47 12.24 28.39 -3.66
CA GLN B 47 12.48 28.98 -2.35
C GLN B 47 11.15 29.08 -1.62
N THR B 48 11.14 28.68 -0.35
CA THR B 48 10.00 28.84 0.54
C THR B 48 10.44 29.68 1.73
N GLY B 49 9.48 30.01 2.59
CA GLY B 49 9.80 30.79 3.76
C GLY B 49 10.22 32.23 3.48
N THR B 50 9.80 32.81 2.36
CA THR B 50 10.21 34.19 2.10
C THR B 50 9.56 35.14 3.08
N ALA B 51 8.37 34.78 3.61
CA ALA B 51 7.67 35.68 4.51
C ALA B 51 8.55 36.06 5.71
N ARG B 52 9.30 35.10 6.24
CA ARG B 52 10.22 35.36 7.33
C ARG B 52 11.62 35.71 6.85
N GLY B 53 11.80 36.01 5.56
CA GLY B 53 13.06 36.52 5.05
C GLY B 53 13.99 35.51 4.41
N ASP B 54 13.61 34.24 4.29
CA ASP B 54 14.49 33.26 3.66
C ASP B 54 14.82 33.67 2.22
N ASP B 55 16.10 33.53 1.86
CA ASP B 55 16.61 33.80 0.52
C ASP B 55 17.95 33.09 0.39
N ASP B 56 17.92 31.80 0.09
CA ASP B 56 19.16 31.01 0.16
C ASP B 56 20.16 31.44 -0.89
N LEU B 57 19.68 31.79 -2.09
CA LEU B 57 20.58 32.25 -3.15
C LEU B 57 21.34 33.51 -2.71
N ALA B 58 20.66 34.42 -2.03
CA ALA B 58 21.31 35.63 -1.56
C ALA B 58 22.35 35.33 -0.49
N GLU B 59 22.08 34.35 0.39
CA GLU B 59 23.07 33.95 1.38
C GLU B 59 24.30 33.38 0.73
N VAL B 60 24.11 32.55 -0.30
CA VAL B 60 25.22 32.01 -1.07
C VAL B 60 26.00 33.14 -1.75
N GLY B 61 25.27 34.15 -2.25
CA GLY B 61 25.94 35.29 -2.87
C GLY B 61 26.79 36.05 -1.87
N ARG B 62 26.21 36.37 -0.70
CA ARG B 62 26.94 37.14 0.30
C ARG B 62 28.12 36.35 0.87
N LEU B 63 27.94 35.07 1.16
CA LEU B 63 28.98 34.30 1.85
C LEU B 63 30.07 33.85 0.89
N ALA B 64 29.71 33.49 -0.35
CA ALA B 64 30.68 32.89 -1.26
C ALA B 64 30.95 33.67 -2.55
N GLY B 65 30.27 34.80 -2.79
CA GLY B 65 30.52 35.55 -4.02
C GLY B 65 30.07 34.91 -5.33
N VAL B 66 29.28 33.84 -5.29
CA VAL B 66 28.71 33.28 -6.52
C VAL B 66 27.79 34.31 -7.15
N THR B 67 27.87 34.47 -8.49
CA THR B 67 26.92 35.35 -9.17
C THR B 67 25.91 34.60 -10.03
N GLN B 68 26.23 33.42 -10.52
CA GLN B 68 25.27 32.59 -11.25
C GLN B 68 24.38 31.91 -10.21
N LEU B 69 23.28 32.60 -9.90
CA LEU B 69 22.31 32.22 -8.87
C LEU B 69 20.94 32.19 -9.53
N ALA B 70 20.39 31.00 -9.75
CA ALA B 70 19.17 30.83 -10.52
C ALA B 70 18.06 30.21 -9.69
N GLY B 71 16.85 30.74 -9.84
CA GLY B 71 15.67 30.19 -9.18
C GLY B 71 14.44 30.41 -10.05
N LEU B 72 13.37 29.67 -9.73
CA LEU B 72 12.15 29.68 -10.52
C LEU B 72 10.92 30.15 -9.77
N ALA B 73 10.87 29.93 -8.46
CA ALA B 73 9.67 30.27 -7.70
C ALA B 73 10.06 30.59 -6.26
N ARG B 74 9.25 31.44 -5.63
CA ARG B 74 9.44 31.88 -4.25
C ARG B 74 8.08 31.91 -3.56
N TYR B 75 8.00 31.28 -2.40
CA TYR B 75 6.73 31.17 -1.70
C TYR B 75 6.85 31.72 -0.29
N PRO B 76 5.87 32.50 0.17
CA PRO B 76 5.98 33.09 1.51
C PRO B 76 6.03 32.06 2.64
N GLN B 77 5.20 31.01 2.60
CA GLN B 77 5.01 30.15 3.77
C GLN B 77 6.26 29.31 4.06
N PRO B 78 6.63 29.17 5.34
CA PRO B 78 7.68 28.20 5.73
C PRO B 78 7.22 26.75 5.69
N MET B 79 6.93 26.22 4.51
CA MET B 79 6.42 24.86 4.39
C MET B 79 7.18 24.14 3.29
N ALA B 80 6.93 22.84 3.18
CA ALA B 80 7.37 22.13 2.01
C ALA B 80 6.74 22.76 0.76
N PRO B 81 7.43 22.72 -0.37
CA PRO B 81 6.90 23.36 -1.61
C PRO B 81 5.45 23.05 -1.94
N ALA B 82 5.04 21.77 -1.93
CA ALA B 82 3.67 21.46 -2.30
C ALA B 82 2.69 22.12 -1.32
N ALA B 83 3.05 22.17 -0.05
CA ALA B 83 2.17 22.80 0.94
C ALA B 83 2.23 24.32 0.82
N ALA B 84 3.40 24.87 0.50
CA ALA B 84 3.50 26.31 0.28
C ALA B 84 2.74 26.72 -0.98
N ALA B 85 2.89 25.94 -2.06
CA ALA B 85 2.17 26.25 -3.30
C ALA B 85 0.67 26.09 -3.12
N GLU B 86 0.24 25.05 -2.39
CA GLU B 86 -1.18 24.85 -2.13
C GLU B 86 -1.77 26.02 -1.36
N HIS B 87 -1.07 26.49 -0.32
CA HIS B 87 -1.60 27.63 0.44
C HIS B 87 -1.55 28.92 -0.35
N ALA B 88 -0.59 29.05 -1.28
CA ALA B 88 -0.51 30.22 -2.16
C ALA B 88 -1.54 30.17 -3.26
N GLY B 89 -2.09 29.00 -3.56
CA GLY B 89 -3.04 28.87 -4.66
C GLY B 89 -2.38 28.90 -6.02
N MET B 90 -1.07 28.77 -6.07
CA MET B 90 -0.29 28.81 -7.31
C MET B 90 0.58 27.57 -7.38
N ALA B 91 0.53 26.88 -8.52
CA ALA B 91 1.18 25.58 -8.66
C ALA B 91 2.71 25.73 -8.66
N LEU B 92 3.37 24.62 -8.33
CA LEU B 92 4.82 24.54 -8.41
C LEU B 92 5.28 24.67 -9.86
N PRO B 93 6.55 25.01 -10.08
CA PRO B 93 7.10 24.94 -11.43
C PRO B 93 6.90 23.54 -12.01
N ALA B 94 6.91 23.48 -13.35
CA ALA B 94 6.80 22.21 -14.05
C ALA B 94 8.12 21.46 -14.01
N ARG B 95 8.03 20.14 -14.15
CA ARG B 95 9.22 19.29 -14.23
C ARG B 95 10.19 19.79 -15.30
N ASP B 96 9.69 20.07 -16.50
CA ASP B 96 10.55 20.55 -17.58
C ASP B 96 11.28 21.83 -17.20
N GLN B 97 10.61 22.74 -16.49
CA GLN B 97 11.25 23.98 -16.08
C GLN B 97 12.48 23.72 -15.22
N ILE B 98 12.35 22.84 -14.22
CA ILE B 98 13.46 22.61 -13.30
C ILE B 98 14.60 21.88 -14.01
N VAL B 99 14.27 20.79 -14.72
CA VAL B 99 15.33 20.01 -15.36
C VAL B 99 16.06 20.84 -16.42
N ARG B 100 15.33 21.68 -17.18
CA ARG B 100 16.01 22.42 -18.26
C ARG B 100 16.86 23.55 -17.72
N LEU B 101 16.40 24.26 -16.68
CA LEU B 101 17.21 25.30 -16.03
C LEU B 101 18.55 24.74 -15.56
N ILE B 102 18.50 23.60 -14.85
CA ILE B 102 19.73 22.97 -14.37
C ILE B 102 20.59 22.52 -15.53
N ALA B 103 19.96 21.91 -16.55
CA ALA B 103 20.73 21.44 -17.69
C ALA B 103 21.36 22.60 -18.44
N ASP B 104 20.70 23.77 -18.49
CA ASP B 104 21.28 24.93 -19.15
C ASP B 104 22.33 25.64 -18.28
N LEU B 105 22.18 25.58 -16.96
CA LEU B 105 23.24 26.06 -16.07
C LEU B 105 24.51 25.25 -16.27
N ASP B 106 24.37 23.95 -16.47
CA ASP B 106 25.52 23.06 -16.48
C ASP B 106 26.38 23.31 -17.71
N ARG B 107 27.71 23.30 -17.51
CA ARG B 107 28.64 23.50 -18.61
C ARG B 107 30.00 22.95 -18.20
N PRO B 108 30.87 22.64 -19.17
CA PRO B 108 32.20 22.12 -18.82
C PRO B 108 32.97 23.10 -17.93
N GLY B 109 33.67 22.53 -16.96
CA GLY B 109 34.46 23.32 -16.03
C GLY B 109 33.68 23.89 -14.86
N ARG B 110 32.37 23.70 -14.83
CA ARG B 110 31.52 24.33 -13.84
C ARG B 110 30.97 23.30 -12.86
N LEU B 111 31.01 23.65 -11.59
CA LEU B 111 30.28 22.92 -10.57
C LEU B 111 28.94 23.60 -10.36
N THR B 112 27.87 22.87 -10.61
CA THR B 112 26.53 23.39 -10.41
C THR B 112 25.91 22.69 -9.22
N LEU B 113 25.58 23.47 -8.18
CA LEU B 113 24.92 22.95 -6.99
C LEU B 113 23.43 23.24 -7.10
N VAL B 114 22.61 22.21 -6.95
CA VAL B 114 21.16 22.32 -6.91
C VAL B 114 20.72 22.11 -5.46
N GLU B 115 20.27 23.17 -4.79
CA GLU B 115 19.83 23.09 -3.40
C GLU B 115 18.34 22.79 -3.31
N GLY B 116 17.99 21.73 -2.60
CA GLY B 116 16.60 21.34 -2.48
C GLY B 116 15.84 22.25 -1.53
N ALA B 117 14.56 21.94 -1.40
CA ALA B 117 13.71 22.56 -0.40
C ALA B 117 12.77 21.50 0.17
N GLY B 118 12.86 21.27 1.49
CA GLY B 118 11.96 20.34 2.13
C GLY B 118 12.37 18.88 2.10
N GLY B 119 13.56 18.55 1.59
CA GLY B 119 14.06 17.19 1.66
C GLY B 119 13.97 16.45 0.33
N LEU B 120 14.66 15.30 0.31
CA LEU B 120 14.90 14.54 -0.91
C LEU B 120 13.62 14.03 -1.58
N LEU B 121 12.61 13.62 -0.79
CA LEU B 121 11.47 12.87 -1.34
C LEU B 121 10.20 13.69 -1.48
N VAL B 122 10.18 14.94 -1.05
CA VAL B 122 8.94 15.70 -1.17
C VAL B 122 8.78 16.22 -2.60
N GLU B 123 7.55 16.58 -2.94
CA GLU B 123 7.30 17.20 -4.23
C GLU B 123 7.99 18.55 -4.36
N LEU B 124 8.76 18.70 -5.41
CA LEU B 124 9.42 19.95 -5.79
C LEU B 124 8.85 20.59 -7.05
N ALA B 125 8.44 19.78 -8.02
CA ALA B 125 7.80 20.28 -9.23
C ALA B 125 6.60 19.41 -9.51
N GLU B 126 5.61 20.01 -10.18
CA GLU B 126 4.48 19.13 -10.47
C GLU B 126 4.69 18.41 -11.80
N PRO B 127 4.12 17.22 -11.99
CA PRO B 127 3.28 16.44 -11.07
C PRO B 127 4.06 15.42 -10.23
N GLY B 128 4.21 15.68 -8.93
CA GLY B 128 4.82 14.75 -8.00
C GLY B 128 6.30 14.47 -8.21
N VAL B 129 7.02 15.34 -8.93
CA VAL B 129 8.44 15.17 -9.19
C VAL B 129 9.23 15.66 -7.98
N THR B 130 10.20 14.86 -7.52
CA THR B 130 11.00 15.15 -6.32
C THR B 130 12.41 15.56 -6.69
N LEU B 131 13.13 16.11 -5.71
CA LEU B 131 14.56 16.34 -5.90
C LEU B 131 15.27 15.06 -6.34
N ARG B 132 14.85 13.90 -5.82
CA ARG B 132 15.44 12.64 -6.28
C ARG B 132 15.18 12.41 -7.76
N ASP B 133 13.96 12.65 -8.22
CA ASP B 133 13.64 12.49 -9.63
C ASP B 133 14.51 13.41 -10.48
N VAL B 134 14.64 14.67 -10.06
CA VAL B 134 15.49 15.64 -10.78
C VAL B 134 16.91 15.12 -10.88
N ALA B 135 17.46 14.61 -9.78
CA ALA B 135 18.82 14.09 -9.79
C ALA B 135 19.00 12.99 -10.82
N VAL B 136 18.06 12.05 -10.87
CA VAL B 136 18.07 11.02 -11.90
C VAL B 136 18.08 11.66 -13.29
N ASP B 137 17.15 12.59 -13.52
CA ASP B 137 17.00 13.20 -14.85
C ASP B 137 18.27 13.92 -15.31
N VAL B 138 18.98 14.60 -14.41
CA VAL B 138 20.19 15.32 -14.83
C VAL B 138 21.47 14.53 -14.52
N ALA B 139 21.35 13.30 -14.04
CA ALA B 139 22.50 12.47 -13.65
C ALA B 139 23.41 13.20 -12.68
N ALA B 140 22.81 13.81 -11.65
CA ALA B 140 23.57 14.39 -10.56
C ALA B 140 23.75 13.35 -9.45
N ALA B 141 24.92 13.38 -8.80
CA ALA B 141 25.06 12.77 -7.51
C ALA B 141 24.45 13.68 -6.44
N ALA B 142 24.33 13.17 -5.22
CA ALA B 142 23.67 13.89 -4.14
C ALA B 142 24.62 14.06 -2.96
N LEU B 143 24.81 15.31 -2.54
CA LEU B 143 25.56 15.65 -1.33
C LEU B 143 24.55 15.83 -0.21
N VAL B 144 24.73 15.08 0.88
CA VAL B 144 23.74 14.96 1.94
C VAL B 144 24.24 15.72 3.16
N VAL B 145 23.46 16.70 3.61
CA VAL B 145 23.80 17.53 4.75
C VAL B 145 23.07 16.98 5.98
N VAL B 146 23.81 16.76 7.08
CA VAL B 146 23.31 16.03 8.23
C VAL B 146 23.69 16.79 9.50
N THR B 147 23.08 16.41 10.63
CA THR B 147 23.50 16.88 11.94
C THR B 147 24.43 15.86 12.57
N ALA B 148 24.95 16.21 13.75
CA ALA B 148 25.64 15.25 14.59
C ALA B 148 24.82 14.91 15.82
N ASP B 149 23.57 15.34 15.84
CA ASP B 149 22.72 15.17 17.00
C ASP B 149 21.93 13.87 16.90
N LEU B 150 21.40 13.45 18.04
CA LEU B 150 20.63 12.21 18.14
C LEU B 150 19.59 12.16 17.03
N GLY B 151 19.49 11.01 16.37
CA GLY B 151 18.57 10.80 15.27
C GLY B 151 19.21 10.89 13.91
N THR B 152 20.42 11.45 13.85
CA THR B 152 21.06 11.63 12.57
C THR B 152 21.29 10.31 11.87
N LEU B 153 21.69 9.26 12.63
CA LEU B 153 22.05 7.98 12.00
C LEU B 153 20.88 7.38 11.26
N ASN B 154 19.71 7.36 11.89
CA ASN B 154 18.53 6.87 11.20
C ASN B 154 18.23 7.72 9.98
N HIS B 155 18.19 9.05 10.15
CA HIS B 155 17.86 9.93 9.03
C HIS B 155 18.85 9.74 7.88
N THR B 156 20.13 9.58 8.20
CA THR B 156 21.15 9.38 7.17
C THR B 156 21.00 8.04 6.46
N LYS B 157 20.89 6.94 7.23
CA LYS B 157 20.70 5.64 6.59
C LYS B 157 19.47 5.63 5.70
N LEU B 158 18.37 6.24 6.17
CA LEU B 158 17.15 6.35 5.38
C LEU B 158 17.40 7.11 4.09
N THR B 159 18.11 8.22 4.15
CA THR B 159 18.32 9.00 2.95
C THR B 159 19.17 8.25 1.94
N LEU B 160 20.22 7.58 2.44
CA LEU B 160 21.11 6.78 1.60
C LEU B 160 20.38 5.62 0.95
N GLU B 161 19.44 5.00 1.67
N GLU B 161 19.43 5.01 1.66
CA GLU B 161 18.61 3.97 1.05
CA GLU B 161 18.63 3.96 1.04
C GLU B 161 17.77 4.55 -0.07
C GLU B 161 17.73 4.52 -0.05
N ALA B 162 17.11 5.68 0.21
CA ALA B 162 16.31 6.34 -0.81
C ALA B 162 17.14 6.69 -2.05
N LEU B 163 18.37 7.15 -1.84
CA LEU B 163 19.24 7.45 -2.99
C LEU B 163 19.58 6.18 -3.77
N ALA B 164 20.06 5.15 -3.09
CA ALA B 164 20.37 3.87 -3.73
C ALA B 164 19.17 3.29 -4.46
N ALA B 165 17.95 3.49 -3.93
CA ALA B 165 16.77 2.89 -4.54
C ALA B 165 16.52 3.38 -5.96
N GLN B 166 17.00 4.57 -6.32
CA GLN B 166 16.88 5.06 -7.69
C GLN B 166 18.25 5.23 -8.32
N GLN B 167 19.24 4.55 -7.75
CA GLN B 167 20.65 4.56 -8.20
C GLN B 167 21.22 5.97 -8.31
N VAL B 168 20.77 6.89 -7.47
CA VAL B 168 21.44 8.19 -7.37
C VAL B 168 22.70 8.02 -6.54
N SER B 169 23.85 8.34 -7.13
N SER B 169 23.85 8.34 -7.12
CA SER B 169 25.12 8.25 -6.43
CA SER B 169 25.11 8.23 -6.41
C SER B 169 25.15 9.23 -5.25
C SER B 169 25.15 9.22 -5.25
N CYS B 170 25.78 8.81 -4.16
CA CYS B 170 25.96 9.66 -3.00
C CYS B 170 27.39 10.20 -3.02
N ALA B 171 27.53 11.52 -3.04
CA ALA B 171 28.85 12.14 -3.09
C ALA B 171 29.44 12.37 -1.70
N GLY B 172 28.74 11.98 -0.65
CA GLY B 172 29.25 12.06 0.70
C GLY B 172 28.34 12.87 1.60
N LEU B 173 28.80 13.01 2.83
CA LEU B 173 28.07 13.70 3.89
C LEU B 173 28.79 15.00 4.25
N VAL B 174 28.01 15.97 4.70
CA VAL B 174 28.54 17.18 5.31
C VAL B 174 27.74 17.44 6.56
N ILE B 175 28.42 17.47 7.72
CA ILE B 175 27.80 17.92 8.95
C ILE B 175 27.66 19.43 8.87
N GLY B 176 26.43 19.92 8.73
CA GLY B 176 26.21 21.32 8.45
C GLY B 176 26.57 22.26 9.59
N SER B 177 26.58 21.76 10.82
CA SER B 177 26.95 22.59 11.98
C SER B 177 27.60 21.70 13.01
N TRP B 178 28.86 21.98 13.32
CA TRP B 178 29.62 21.22 14.29
C TRP B 178 29.74 22.03 15.57
N PRO B 179 29.30 21.51 16.70
CA PRO B 179 29.19 22.35 17.89
C PRO B 179 30.53 22.49 18.59
N ASP B 180 30.61 23.51 19.44
CA ASP B 180 31.79 23.73 20.25
C ASP B 180 31.35 24.01 21.69
N PRO B 181 31.74 23.17 22.65
CA PRO B 181 32.50 21.93 22.42
C PRO B 181 31.62 20.82 21.85
N PRO B 182 32.22 19.82 21.19
CA PRO B 182 31.40 18.78 20.54
C PRO B 182 30.32 18.15 21.40
N GLY B 183 30.65 17.64 22.58
CA GLY B 183 29.68 16.89 23.35
C GLY B 183 29.71 15.40 23.04
N LEU B 184 29.11 14.62 23.94
CA LEU B 184 29.28 13.17 23.93
C LEU B 184 28.56 12.53 22.75
N VAL B 185 27.33 12.92 22.49
CA VAL B 185 26.59 12.31 21.38
C VAL B 185 27.19 12.74 20.05
N ALA B 186 27.41 14.04 19.87
CA ALA B 186 27.97 14.55 18.63
C ALA B 186 29.32 13.91 18.33
N ALA B 187 30.13 13.68 19.36
CA ALA B 187 31.44 13.07 19.14
C ALA B 187 31.28 11.62 18.67
N SER B 188 30.35 10.88 19.26
CA SER B 188 30.16 9.51 18.79
C SER B 188 29.59 9.47 17.37
N ASN B 189 28.65 10.36 17.06
CA ASN B 189 27.98 10.32 15.76
C ASN B 189 28.94 10.64 14.62
N ARG B 190 29.86 11.59 14.83
CA ARG B 190 30.81 11.91 13.79
C ARG B 190 31.61 10.68 13.39
N SER B 191 31.99 9.85 14.37
N SER B 191 31.99 9.85 14.36
CA SER B 191 32.66 8.61 14.07
CA SER B 191 32.67 8.61 14.03
C SER B 191 31.73 7.65 13.34
C SER B 191 31.73 7.63 13.34
N ALA B 192 30.51 7.49 13.85
CA ALA B 192 29.57 6.53 13.28
C ALA B 192 29.17 6.93 11.86
N LEU B 193 29.02 8.24 11.59
CA LEU B 193 28.67 8.68 10.24
C LEU B 193 29.79 8.36 9.26
N ALA B 194 31.03 8.55 9.70
CA ALA B 194 32.18 8.21 8.87
C ALA B 194 32.23 6.74 8.50
N ARG B 195 31.51 5.88 9.25
CA ARG B 195 31.50 4.46 8.93
C ARG B 195 30.53 4.12 7.80
N ILE B 196 29.47 4.91 7.61
CA ILE B 196 28.50 4.61 6.55
C ILE B 196 28.71 5.43 5.28
N ALA B 197 29.42 6.56 5.36
CA ALA B 197 29.74 7.35 4.17
C ALA B 197 30.90 8.29 4.49
N MET B 198 31.50 8.84 3.43
CA MET B 198 32.58 9.81 3.57
C MET B 198 32.04 11.14 4.09
N VAL B 199 32.57 11.60 5.22
CA VAL B 199 32.24 12.93 5.76
C VAL B 199 33.19 13.94 5.13
N ARG B 200 32.68 14.74 4.18
CA ARG B 200 33.53 15.66 3.43
C ARG B 200 33.94 16.88 4.24
N ALA B 201 33.14 17.26 5.24
CA ALA B 201 33.46 18.41 6.06
C ALA B 201 32.52 18.44 7.25
N ALA B 202 32.93 19.17 8.29
CA ALA B 202 32.05 19.52 9.39
C ALA B 202 32.23 21.00 9.61
N LEU B 203 31.17 21.75 9.35
CA LEU B 203 31.31 23.19 9.37
C LEU B 203 31.11 23.69 10.79
N PRO B 204 32.01 24.53 11.29
CA PRO B 204 31.85 25.04 12.66
C PRO B 204 30.52 25.74 12.83
N ALA B 205 29.89 25.51 13.98
CA ALA B 205 28.72 26.30 14.36
C ALA B 205 29.04 27.79 14.30
N GLY B 206 28.03 28.59 13.96
CA GLY B 206 28.17 30.03 13.80
C GLY B 206 28.73 30.52 12.47
N ALA B 207 28.99 29.62 11.50
CA ALA B 207 29.72 30.05 10.30
C ALA B 207 28.90 31.01 9.41
N ALA B 208 27.58 30.88 9.40
CA ALA B 208 26.76 31.78 8.59
C ALA B 208 26.92 33.24 8.99
N SER B 209 27.40 33.52 10.20
CA SER B 209 27.55 34.90 10.65
C SER B 209 28.86 35.53 10.20
N LEU B 210 29.76 34.77 9.56
CA LEU B 210 31.05 35.29 9.18
C LEU B 210 30.94 36.26 8.01
N ASP B 211 31.89 37.18 7.89
CA ASP B 211 31.99 37.99 6.68
C ASP B 211 32.63 37.17 5.56
N ALA B 212 32.65 37.75 4.36
CA ALA B 212 33.06 37.00 3.17
C ALA B 212 34.48 36.48 3.29
N GLY B 213 35.39 37.27 3.84
CA GLY B 213 36.78 36.83 3.93
C GLY B 213 36.97 35.72 4.95
N ASP B 214 36.38 35.89 6.14
CA ASP B 214 36.45 34.83 7.13
C ASP B 214 35.76 33.56 6.64
N PHE B 215 34.60 33.71 5.99
CA PHE B 215 33.88 32.54 5.51
C PHE B 215 34.70 31.78 4.49
N ALA B 216 35.35 32.50 3.58
CA ALA B 216 36.18 31.84 2.59
C ALA B 216 37.39 31.16 3.25
N ALA B 217 37.85 31.73 4.36
CA ALA B 217 38.92 31.10 5.12
C ALA B 217 38.45 29.78 5.71
N MET B 218 37.32 29.82 6.42
CA MET B 218 36.72 28.60 6.96
C MET B 218 36.50 27.57 5.86
N SER B 219 35.99 27.99 4.70
CA SER B 219 35.61 27.04 3.65
C SER B 219 36.81 26.36 3.04
N ALA B 220 37.87 27.12 2.77
CA ALA B 220 39.07 26.54 2.17
C ALA B 220 39.64 25.43 3.04
N ALA B 221 39.59 25.62 4.36
CA ALA B 221 40.13 24.62 5.29
C ALA B 221 39.13 23.51 5.62
N ALA B 222 37.84 23.69 5.31
CA ALA B 222 36.83 22.73 5.76
C ALA B 222 36.79 21.46 4.92
N PHE B 223 37.16 21.56 3.65
CA PHE B 223 37.06 20.44 2.73
C PHE B 223 38.45 19.96 2.35
N ASP B 224 38.54 18.66 2.04
CA ASP B 224 39.76 18.14 1.45
C ASP B 224 40.01 18.84 0.13
N ARG B 225 41.20 19.44 -0.02
CA ARG B 225 41.50 20.21 -1.22
C ARG B 225 41.44 19.34 -2.47
N ASN B 226 41.90 18.09 -2.36
CA ASN B 226 41.95 17.22 -3.53
C ASN B 226 40.57 16.77 -3.96
N TRP B 227 39.67 16.54 -3.00
CA TRP B 227 38.32 16.14 -3.36
C TRP B 227 37.62 17.27 -4.11
N VAL B 228 37.73 18.50 -3.58
CA VAL B 228 37.14 19.65 -4.24
C VAL B 228 37.66 19.77 -5.66
N ALA B 229 38.98 19.80 -5.83
CA ALA B 229 39.57 19.94 -7.15
C ALA B 229 39.18 18.78 -8.07
N GLY B 230 38.99 17.58 -7.50
CA GLY B 230 38.56 16.46 -8.30
C GLY B 230 37.11 16.51 -8.73
N LEU B 231 36.29 17.39 -8.14
CA LEU B 231 34.87 17.40 -8.49
C LEU B 231 34.64 17.75 -9.96
N VAL B 232 35.59 18.47 -10.56
CA VAL B 232 35.43 18.93 -11.93
C VAL B 232 36.70 18.59 -12.72
N HIS C 6 -17.15 17.39 4.91
CA HIS C 6 -16.73 18.48 4.03
C HIS C 6 -17.03 18.17 2.56
N GLY C 7 -16.81 19.16 1.69
CA GLY C 7 -16.91 18.99 0.25
C GLY C 7 -18.24 18.45 -0.25
N GLY C 8 -18.23 17.90 -1.48
CA GLY C 8 -19.42 17.32 -2.07
C GLY C 8 -19.54 15.83 -1.84
N THR C 9 -20.01 15.12 -2.88
CA THR C 9 -20.21 13.67 -2.82
C THR C 9 -19.25 13.04 -3.81
N ILE C 10 -18.29 12.26 -3.29
CA ILE C 10 -17.41 11.44 -4.10
C ILE C 10 -17.94 10.02 -4.14
N LEU C 11 -18.04 9.45 -5.34
CA LEU C 11 -18.50 8.09 -5.57
C LEU C 11 -17.46 7.35 -6.40
N VAL C 12 -16.80 6.33 -5.83
CA VAL C 12 -15.93 5.50 -6.64
C VAL C 12 -16.79 4.49 -7.39
N VAL C 13 -16.43 4.20 -8.63
CA VAL C 13 -17.18 3.30 -9.50
C VAL C 13 -16.25 2.16 -9.85
N THR C 14 -16.57 0.97 -9.36
CA THR C 14 -15.68 -0.17 -9.50
C THR C 14 -16.44 -1.26 -10.24
N GLY C 15 -15.71 -2.23 -10.75
CA GLY C 15 -16.30 -3.33 -11.49
C GLY C 15 -15.98 -4.64 -10.81
N THR C 16 -16.91 -5.58 -10.89
CA THR C 16 -16.61 -6.91 -10.36
C THR C 16 -15.55 -7.65 -11.17
N GLY C 17 -15.30 -7.20 -12.41
CA GLY C 17 -14.27 -7.78 -13.24
C GLY C 17 -14.00 -6.87 -14.42
N THR C 18 -13.15 -7.35 -15.33
CA THR C 18 -12.80 -6.59 -16.53
C THR C 18 -13.96 -6.51 -17.51
N GLY C 19 -14.10 -5.35 -18.14
CA GLY C 19 -15.02 -5.23 -19.25
C GLY C 19 -16.49 -5.34 -18.90
N VAL C 20 -16.86 -4.98 -17.67
CA VAL C 20 -18.26 -5.02 -17.27
C VAL C 20 -19.02 -3.74 -17.64
N GLY C 21 -18.35 -2.72 -18.16
CA GLY C 21 -19.02 -1.50 -18.54
C GLY C 21 -18.88 -0.33 -17.60
N LYS C 22 -17.84 -0.28 -16.78
CA LYS C 22 -17.66 0.84 -15.85
C LYS C 22 -17.80 2.19 -16.55
N THR C 23 -17.18 2.33 -17.71
CA THR C 23 -17.09 3.62 -18.39
C THR C 23 -18.47 4.09 -18.81
N VAL C 24 -19.27 3.21 -19.42
CA VAL C 24 -20.61 3.66 -19.82
C VAL C 24 -21.47 3.94 -18.59
N VAL C 25 -21.29 3.18 -17.49
CA VAL C 25 -22.01 3.52 -16.27
C VAL C 25 -21.60 4.91 -15.78
N CYS C 26 -20.29 5.19 -15.77
CA CYS C 26 -19.85 6.52 -15.40
C CYS C 26 -20.48 7.58 -16.29
N ALA C 27 -20.57 7.32 -17.60
CA ALA C 27 -21.15 8.32 -18.48
C ALA C 27 -22.66 8.43 -18.28
N ALA C 28 -23.33 7.31 -18.01
CA ALA C 28 -24.78 7.34 -17.84
C ALA C 28 -25.18 8.05 -16.55
N LEU C 29 -24.50 7.77 -15.44
CA LEU C 29 -24.79 8.45 -14.18
C LEU C 29 -24.49 9.95 -14.28
N ALA C 30 -23.33 10.29 -14.83
CA ALA C 30 -23.00 11.69 -15.11
C ALA C 30 -24.09 12.35 -15.96
N SER C 31 -24.53 11.68 -17.02
CA SER C 31 -25.58 12.24 -17.87
C SER C 31 -26.87 12.46 -17.09
N ALA C 32 -27.26 11.49 -16.27
CA ALA C 32 -28.50 11.65 -15.50
C ALA C 32 -28.34 12.76 -14.46
N ALA C 33 -27.15 12.89 -13.87
CA ALA C 33 -26.93 13.94 -12.88
C ALA C 33 -26.94 15.32 -13.55
N ARG C 34 -26.31 15.44 -14.72
CA ARG C 34 -26.36 16.71 -15.44
C ARG C 34 -27.79 17.13 -15.75
N GLN C 35 -28.63 16.16 -16.11
CA GLN C 35 -30.04 16.43 -16.41
C GLN C 35 -30.84 16.79 -15.17
N ALA C 36 -30.33 16.48 -13.98
CA ALA C 36 -31.00 16.83 -12.73
C ALA C 36 -30.50 18.13 -12.13
N GLY C 37 -29.64 18.86 -12.81
CA GLY C 37 -29.08 20.09 -12.29
C GLY C 37 -27.83 19.95 -11.46
N ILE C 38 -27.18 18.78 -11.45
CA ILE C 38 -26.05 18.51 -10.56
C ILE C 38 -24.74 18.77 -11.29
N ASP C 39 -23.87 19.54 -10.64
CA ASP C 39 -22.46 19.64 -11.00
C ASP C 39 -21.79 18.26 -10.91
N VAL C 40 -21.25 17.77 -12.04
CA VAL C 40 -20.66 16.43 -12.11
C VAL C 40 -19.24 16.53 -12.66
N ALA C 41 -18.32 15.80 -12.04
CA ALA C 41 -16.97 15.64 -12.55
C ALA C 41 -16.62 14.16 -12.55
N VAL C 42 -15.82 13.75 -13.51
CA VAL C 42 -15.42 12.35 -13.62
C VAL C 42 -13.90 12.28 -13.62
N CYS C 43 -13.36 11.39 -12.81
CA CYS C 43 -11.95 11.26 -12.53
C CYS C 43 -11.52 9.84 -12.87
N LYS C 44 -10.38 9.71 -13.56
CA LYS C 44 -9.82 8.41 -13.93
C LYS C 44 -8.35 8.44 -13.53
N PRO C 45 -8.04 8.13 -12.27
CA PRO C 45 -6.66 8.27 -11.81
C PRO C 45 -5.64 7.48 -12.61
N VAL C 46 -5.99 6.26 -13.00
CA VAL C 46 -5.09 5.36 -13.70
C VAL C 46 -5.81 4.80 -14.93
N GLN C 47 -5.29 5.12 -16.11
CA GLN C 47 -5.80 4.66 -17.39
C GLN C 47 -4.81 3.71 -18.03
N THR C 48 -5.26 2.53 -18.43
CA THR C 48 -4.47 1.58 -19.20
C THR C 48 -5.08 1.39 -20.58
N GLY C 49 -4.34 0.73 -21.46
CA GLY C 49 -4.86 0.36 -22.76
C GLY C 49 -4.90 1.44 -23.83
N THR C 50 -4.10 2.51 -23.69
CA THR C 50 -4.11 3.53 -24.75
C THR C 50 -3.60 2.97 -26.08
N ALA C 51 -2.68 2.00 -26.04
CA ALA C 51 -2.26 1.30 -27.26
C ALA C 51 -3.40 0.57 -27.97
N ARG C 52 -4.46 0.20 -27.24
CA ARG C 52 -5.64 -0.39 -27.86
C ARG C 52 -6.65 0.66 -28.28
N GLY C 53 -6.45 1.92 -27.89
CA GLY C 53 -7.39 2.99 -28.17
C GLY C 53 -8.21 3.42 -26.97
N ASP C 54 -7.94 2.88 -25.78
CA ASP C 54 -8.76 3.18 -24.60
C ASP C 54 -8.54 4.63 -24.16
N ASP C 55 -9.64 5.37 -23.95
CA ASP C 55 -9.57 6.64 -23.23
C ASP C 55 -10.94 6.87 -22.59
N ASP C 56 -11.07 6.36 -21.36
CA ASP C 56 -12.37 6.34 -20.67
C ASP C 56 -12.91 7.76 -20.46
N LEU C 57 -12.06 8.69 -20.02
CA LEU C 57 -12.50 10.09 -19.86
C LEU C 57 -13.00 10.66 -21.19
N ALA C 58 -12.25 10.46 -22.28
CA ALA C 58 -12.71 10.97 -23.57
C ALA C 58 -14.02 10.32 -23.98
N GLU C 59 -14.19 9.03 -23.66
CA GLU C 59 -15.46 8.37 -23.97
C GLU C 59 -16.59 8.95 -23.13
N VAL C 60 -16.32 9.26 -21.87
CA VAL C 60 -17.33 9.90 -21.02
C VAL C 60 -17.66 11.30 -21.52
N GLY C 61 -16.65 12.09 -21.90
CA GLY C 61 -16.92 13.40 -22.46
C GLY C 61 -17.82 13.32 -23.69
N ARG C 62 -17.56 12.33 -24.55
CA ARG C 62 -18.31 12.17 -25.80
C ARG C 62 -19.75 11.71 -25.53
N LEU C 63 -19.94 10.76 -24.62
CA LEU C 63 -21.28 10.20 -24.41
C LEU C 63 -22.17 11.14 -23.60
N ALA C 64 -21.63 11.74 -22.54
CA ALA C 64 -22.44 12.46 -21.57
C ALA C 64 -22.36 13.97 -21.70
N GLY C 65 -21.35 14.50 -22.39
CA GLY C 65 -21.17 15.93 -22.47
C GLY C 65 -20.47 16.53 -21.28
N VAL C 66 -19.76 15.71 -20.50
CA VAL C 66 -19.01 16.20 -19.35
C VAL C 66 -17.71 16.82 -19.83
N THR C 67 -17.43 18.04 -19.34
CA THR C 67 -16.15 18.68 -19.60
C THR C 67 -15.23 18.71 -18.39
N GLN C 68 -15.76 18.48 -17.19
CA GLN C 68 -14.92 18.41 -16.00
C GLN C 68 -14.42 16.97 -15.87
N LEU C 69 -13.27 16.73 -16.52
CA LEU C 69 -12.65 15.42 -16.63
C LEU C 69 -11.22 15.53 -16.17
N ALA C 70 -10.81 14.66 -15.26
CA ALA C 70 -9.50 14.76 -14.63
C ALA C 70 -8.80 13.41 -14.70
N GLY C 71 -7.64 13.38 -15.36
CA GLY C 71 -6.84 12.18 -15.42
C GLY C 71 -5.50 12.38 -14.74
N LEU C 72 -4.72 11.29 -14.70
CA LEU C 72 -3.40 11.35 -14.09
C LEU C 72 -2.43 10.42 -14.81
N ALA C 73 -2.45 9.15 -14.45
CA ALA C 73 -1.52 8.18 -15.03
C ALA C 73 -2.13 7.56 -16.29
N ARG C 74 -1.31 7.42 -17.32
CA ARG C 74 -1.76 6.78 -18.55
C ARG C 74 -0.68 5.81 -19.02
N TYR C 75 -1.10 4.61 -19.38
CA TYR C 75 -0.20 3.56 -19.83
C TYR C 75 -0.75 2.91 -21.09
N PRO C 76 0.14 2.49 -21.99
CA PRO C 76 -0.30 2.00 -23.31
C PRO C 76 -0.91 0.60 -23.31
N GLN C 77 -0.27 -0.40 -22.68
CA GLN C 77 -0.76 -1.77 -22.86
C GLN C 77 -1.99 -2.04 -21.99
N PRO C 78 -3.00 -2.77 -22.51
CA PRO C 78 -4.20 -3.15 -21.71
C PRO C 78 -3.89 -4.32 -20.78
N MET C 79 -3.23 -3.98 -19.68
CA MET C 79 -2.89 -4.90 -18.60
C MET C 79 -3.30 -4.24 -17.30
N ALA C 80 -3.12 -4.95 -16.19
CA ALA C 80 -3.32 -4.31 -14.90
C ALA C 80 -2.31 -3.17 -14.75
N PRO C 81 -2.72 -2.05 -14.14
CA PRO C 81 -1.84 -0.86 -14.00
C PRO C 81 -0.38 -1.16 -13.73
N ALA C 82 -0.04 -1.95 -12.69
CA ALA C 82 1.37 -2.20 -12.38
C ALA C 82 2.10 -2.88 -13.54
N ALA C 83 1.43 -3.78 -14.26
CA ALA C 83 2.08 -4.46 -15.37
C ALA C 83 2.23 -3.54 -16.57
N ALA C 84 1.19 -2.77 -16.89
CA ALA C 84 1.29 -1.76 -17.94
C ALA C 84 2.39 -0.75 -17.65
N ALA C 85 2.51 -0.31 -16.40
CA ALA C 85 3.58 0.62 -16.04
C ALA C 85 4.95 0.00 -16.25
N GLU C 86 5.15 -1.23 -15.78
N GLU C 86 5.15 -1.23 -15.77
CA GLU C 86 6.44 -1.90 -15.93
CA GLU C 86 6.44 -1.90 -15.93
C GLU C 86 6.81 -2.09 -17.40
C GLU C 86 6.80 -2.06 -17.42
N HIS C 87 5.82 -2.39 -18.25
CA HIS C 87 6.07 -2.59 -19.67
C HIS C 87 6.47 -1.30 -20.37
N ALA C 88 5.94 -0.17 -19.94
CA ALA C 88 6.29 1.13 -20.50
C ALA C 88 7.51 1.77 -19.83
N GLY C 89 8.10 1.10 -18.84
CA GLY C 89 9.20 1.68 -18.10
C GLY C 89 8.83 2.83 -17.20
N MET C 90 7.56 2.98 -16.87
CA MET C 90 7.05 4.02 -16.00
C MET C 90 6.78 3.46 -14.60
N ALA C 91 6.43 4.35 -13.68
CA ALA C 91 6.02 3.98 -12.34
C ALA C 91 4.55 4.29 -12.15
N LEU C 92 3.94 3.62 -11.17
CA LEU C 92 2.58 3.94 -10.81
C LEU C 92 2.54 5.34 -10.19
N PRO C 93 1.41 6.04 -10.25
CA PRO C 93 1.32 7.31 -9.53
C PRO C 93 1.51 7.07 -8.04
N ALA C 94 1.92 8.13 -7.33
CA ALA C 94 1.97 8.06 -5.88
C ALA C 94 0.57 8.15 -5.28
N ARG C 95 0.40 7.51 -4.12
CA ARG C 95 -0.88 7.54 -3.42
C ARG C 95 -1.36 8.98 -3.21
N ASP C 96 -0.48 9.85 -2.69
CA ASP C 96 -0.94 11.21 -2.41
C ASP C 96 -1.27 11.99 -3.69
N GLN C 97 -0.72 11.61 -4.85
CA GLN C 97 -1.15 12.22 -6.12
C GLN C 97 -2.57 11.82 -6.47
N ILE C 98 -2.92 10.54 -6.27
CA ILE C 98 -4.29 10.10 -6.55
C ILE C 98 -5.28 10.83 -5.65
N VAL C 99 -4.98 10.88 -4.34
CA VAL C 99 -5.88 11.53 -3.39
C VAL C 99 -5.97 13.02 -3.71
N ARG C 100 -4.83 13.68 -3.96
CA ARG C 100 -4.84 15.10 -4.30
C ARG C 100 -5.66 15.37 -5.57
N LEU C 101 -5.56 14.49 -6.56
CA LEU C 101 -6.38 14.62 -7.77
C LEU C 101 -7.86 14.63 -7.44
N ILE C 102 -8.29 13.76 -6.53
CA ILE C 102 -9.70 13.62 -6.21
C ILE C 102 -10.17 14.77 -5.32
N ALA C 103 -9.32 15.18 -4.35
CA ALA C 103 -9.72 16.22 -3.41
C ALA C 103 -9.90 17.56 -4.12
N ASP C 104 -9.02 17.88 -5.06
CA ASP C 104 -9.15 19.14 -5.78
C ASP C 104 -10.41 19.17 -6.65
N LEU C 105 -10.77 18.04 -7.26
CA LEU C 105 -12.00 18.00 -8.04
C LEU C 105 -13.24 18.19 -7.17
N ASP C 106 -13.21 17.71 -5.94
CA ASP C 106 -14.39 17.64 -5.08
C ASP C 106 -14.73 19.02 -4.52
N ARG C 107 -16.01 19.31 -4.40
CA ARG C 107 -16.45 20.59 -3.87
C ARG C 107 -17.93 20.50 -3.53
N PRO C 108 -18.41 21.37 -2.62
CA PRO C 108 -19.83 21.34 -2.24
C PRO C 108 -20.74 21.42 -3.46
N GLY C 109 -21.77 20.60 -3.46
CA GLY C 109 -22.69 20.54 -4.57
C GLY C 109 -22.28 19.66 -5.72
N ARG C 110 -21.01 19.24 -5.79
CA ARG C 110 -20.52 18.45 -6.92
C ARG C 110 -20.59 16.95 -6.64
N LEU C 111 -20.98 16.20 -7.67
CA LEU C 111 -20.86 14.75 -7.66
C LEU C 111 -19.60 14.41 -8.43
N THR C 112 -18.61 13.88 -7.75
CA THR C 112 -17.37 13.45 -8.39
C THR C 112 -17.38 11.92 -8.48
N LEU C 113 -17.38 11.40 -9.70
CA LEU C 113 -17.24 9.98 -9.95
C LEU C 113 -15.76 9.66 -10.14
N VAL C 114 -15.24 8.67 -9.41
CA VAL C 114 -13.86 8.19 -9.56
C VAL C 114 -13.89 6.80 -10.18
N GLU C 115 -13.53 6.69 -11.45
CA GLU C 115 -13.58 5.39 -12.11
C GLU C 115 -12.33 4.59 -11.79
N GLY C 116 -12.53 3.36 -11.31
CA GLY C 116 -11.44 2.44 -11.07
C GLY C 116 -10.74 1.97 -12.34
N ALA C 117 -9.78 1.05 -12.15
CA ALA C 117 -8.91 0.57 -13.22
C ALA C 117 -8.97 -0.95 -13.43
N GLY C 118 -10.06 -1.60 -13.06
CA GLY C 118 -10.19 -3.01 -13.38
C GLY C 118 -10.93 -3.83 -12.34
N GLY C 119 -10.63 -3.58 -11.08
CA GLY C 119 -11.30 -4.27 -9.99
C GLY C 119 -10.96 -3.57 -8.70
N LEU C 120 -11.82 -3.80 -7.70
CA LEU C 120 -11.72 -3.06 -6.45
C LEU C 120 -10.35 -3.20 -5.82
N LEU C 121 -9.75 -4.38 -5.94
CA LEU C 121 -8.49 -4.64 -5.29
C LEU C 121 -7.27 -4.57 -6.23
N VAL C 122 -7.46 -4.09 -7.48
CA VAL C 122 -6.33 -3.83 -8.37
C VAL C 122 -5.39 -2.81 -7.76
N GLU C 123 -4.08 -3.05 -7.88
CA GLU C 123 -3.11 -2.09 -7.35
C GLU C 123 -3.06 -0.83 -8.21
N LEU C 124 -3.24 0.34 -7.57
CA LEU C 124 -3.18 1.63 -8.24
C LEU C 124 -1.96 2.45 -7.89
N ALA C 125 -1.39 2.24 -6.71
CA ALA C 125 -0.17 2.89 -6.29
C ALA C 125 0.58 1.94 -5.38
N GLU C 126 1.89 2.15 -5.26
N GLU C 126 1.88 2.16 -5.25
CA GLU C 126 2.68 1.27 -4.40
CA GLU C 126 2.66 1.28 -4.39
C GLU C 126 2.55 1.72 -2.94
C GLU C 126 2.55 1.72 -2.94
N PRO C 127 2.55 0.76 -2.00
CA PRO C 127 2.57 -0.67 -2.25
C PRO C 127 1.18 -1.29 -2.05
N GLY C 128 0.63 -1.84 -3.13
CA GLY C 128 -0.70 -2.41 -3.06
C GLY C 128 -1.78 -1.45 -2.59
N VAL C 129 -1.66 -0.16 -2.94
CA VAL C 129 -2.74 0.79 -2.69
C VAL C 129 -3.85 0.57 -3.72
N THR C 130 -5.08 0.46 -3.25
CA THR C 130 -6.21 0.07 -4.09
C THR C 130 -7.27 1.17 -4.13
N LEU C 131 -8.23 0.97 -5.04
CA LEU C 131 -9.38 1.86 -5.05
C LEU C 131 -10.13 1.80 -3.73
N ARG C 132 -10.11 0.65 -3.04
CA ARG C 132 -10.80 0.59 -1.76
C ARG C 132 -10.11 1.47 -0.72
N ASP C 133 -8.77 1.37 -0.66
CA ASP C 133 -7.96 2.28 0.16
C ASP C 133 -8.31 3.74 -0.12
N VAL C 134 -8.50 4.10 -1.40
CA VAL C 134 -8.75 5.49 -1.75
C VAL C 134 -10.15 5.90 -1.32
N ALA C 135 -11.13 5.02 -1.51
CA ALA C 135 -12.48 5.32 -1.03
C ALA C 135 -12.49 5.52 0.49
N VAL C 136 -11.65 4.78 1.22
CA VAL C 136 -11.58 5.00 2.66
C VAL C 136 -10.96 6.37 2.95
N ASP C 137 -9.95 6.75 2.18
N ASP C 137 -10.04 6.81 2.11
CA ASP C 137 -9.30 8.04 2.37
CA ASP C 137 -9.30 8.03 2.40
C ASP C 137 -10.30 9.18 2.26
C ASP C 137 -10.13 9.29 2.14
N VAL C 138 -11.00 9.27 1.13
CA VAL C 138 -11.80 10.43 0.79
C VAL C 138 -13.24 10.27 1.26
N ALA C 139 -13.49 9.27 2.12
CA ALA C 139 -14.85 8.92 2.58
C ALA C 139 -15.84 8.84 1.42
N ALA C 140 -15.50 8.05 0.40
CA ALA C 140 -16.37 7.82 -0.74
C ALA C 140 -17.14 6.52 -0.56
N ALA C 141 -18.38 6.52 -1.07
CA ALA C 141 -19.10 5.28 -1.26
C ALA C 141 -18.68 4.63 -2.58
N ALA C 142 -19.04 3.36 -2.74
CA ALA C 142 -18.70 2.58 -3.93
C ALA C 142 -19.97 2.17 -4.66
N LEU C 143 -20.06 2.55 -5.93
CA LEU C 143 -21.06 2.02 -6.86
C LEU C 143 -20.45 0.83 -7.59
N VAL C 144 -21.13 -0.31 -7.60
CA VAL C 144 -20.50 -1.55 -8.07
C VAL C 144 -21.12 -1.93 -9.41
N VAL C 145 -20.28 -2.02 -10.44
CA VAL C 145 -20.76 -2.39 -11.77
C VAL C 145 -20.62 -3.89 -11.96
N VAL C 146 -21.73 -4.55 -12.35
CA VAL C 146 -21.82 -6.00 -12.45
C VAL C 146 -22.40 -6.41 -13.81
N THR C 147 -22.17 -7.67 -14.15
CA THR C 147 -22.83 -8.34 -15.26
C THR C 147 -24.02 -9.13 -14.75
N ALA C 148 -24.81 -9.65 -15.69
CA ALA C 148 -25.93 -10.51 -15.37
C ALA C 148 -25.66 -11.95 -15.80
N ASP C 149 -24.40 -12.30 -15.98
CA ASP C 149 -24.01 -13.60 -16.53
C ASP C 149 -23.64 -14.56 -15.41
N LEU C 150 -23.54 -15.83 -15.77
CA LEU C 150 -23.05 -16.86 -14.87
C LEU C 150 -21.77 -16.39 -14.17
N GLY C 151 -21.70 -16.63 -12.86
CA GLY C 151 -20.56 -16.23 -12.06
C GLY C 151 -20.67 -14.87 -11.38
N THR C 152 -21.70 -14.09 -11.68
CA THR C 152 -21.81 -12.73 -11.13
C THR C 152 -22.17 -12.73 -9.65
N LEU C 153 -22.96 -13.72 -9.22
CA LEU C 153 -23.34 -13.80 -7.81
C LEU C 153 -22.11 -13.88 -6.94
N ASN C 154 -21.22 -14.83 -7.26
CA ASN C 154 -19.99 -14.95 -6.50
C ASN C 154 -19.15 -13.68 -6.60
N HIS C 155 -18.98 -13.14 -7.82
CA HIS C 155 -18.15 -11.94 -7.97
C HIS C 155 -18.76 -10.76 -7.22
N THR C 156 -20.08 -10.59 -7.29
CA THR C 156 -20.71 -9.47 -6.61
C THR C 156 -20.55 -9.61 -5.09
N LYS C 157 -20.92 -10.78 -4.55
CA LYS C 157 -20.79 -11.00 -3.11
C LYS C 157 -19.36 -10.78 -2.61
N LEU C 158 -18.37 -11.26 -3.36
CA LEU C 158 -16.99 -11.06 -2.95
C LEU C 158 -16.61 -9.58 -2.90
N THR C 159 -17.08 -8.79 -3.86
CA THR C 159 -16.78 -7.37 -3.89
C THR C 159 -17.49 -6.63 -2.75
N LEU C 160 -18.78 -6.94 -2.53
CA LEU C 160 -19.53 -6.34 -1.42
C LEU C 160 -18.87 -6.65 -0.08
N GLU C 161 -18.43 -7.89 0.13
CA GLU C 161 -17.83 -8.25 1.40
C GLU C 161 -16.53 -7.49 1.62
N ALA C 162 -15.76 -7.30 0.55
CA ALA C 162 -14.54 -6.52 0.67
C ALA C 162 -14.83 -5.05 0.98
N LEU C 163 -15.84 -4.47 0.36
CA LEU C 163 -16.25 -3.11 0.71
C LEU C 163 -16.67 -3.03 2.19
N ALA C 164 -17.56 -3.92 2.62
CA ALA C 164 -18.04 -3.89 4.01
C ALA C 164 -16.90 -4.07 5.00
N ALA C 165 -15.94 -4.95 4.67
CA ALA C 165 -14.82 -5.20 5.56
C ALA C 165 -14.08 -3.92 5.95
N GLN C 166 -14.04 -2.91 5.07
CA GLN C 166 -13.37 -1.65 5.41
C GLN C 166 -14.35 -0.49 5.53
N GLN C 167 -15.61 -0.79 5.86
CA GLN C 167 -16.65 0.22 6.07
C GLN C 167 -16.69 1.25 4.94
N VAL C 168 -16.58 0.77 3.69
CA VAL C 168 -16.93 1.59 2.53
C VAL C 168 -18.38 1.26 2.18
N SER C 169 -19.24 2.26 2.29
CA SER C 169 -20.64 2.11 1.97
C SER C 169 -20.82 1.73 0.51
N CYS C 170 -21.72 0.79 0.25
CA CYS C 170 -22.10 0.42 -1.12
C CYS C 170 -23.29 1.27 -1.54
N ALA C 171 -23.10 2.06 -2.59
CA ALA C 171 -24.14 2.93 -3.10
C ALA C 171 -25.17 2.21 -3.99
N GLY C 172 -24.97 0.93 -4.30
CA GLY C 172 -25.85 0.16 -5.16
C GLY C 172 -25.06 -0.58 -6.23
N LEU C 173 -25.79 -1.35 -7.04
CA LEU C 173 -25.18 -2.02 -8.19
C LEU C 173 -25.69 -1.40 -9.48
N VAL C 174 -24.89 -1.46 -10.54
CA VAL C 174 -25.39 -1.20 -11.89
C VAL C 174 -25.05 -2.39 -12.77
N ILE C 175 -26.06 -2.94 -13.42
CA ILE C 175 -25.81 -3.92 -14.48
C ILE C 175 -25.31 -3.16 -15.69
N GLY C 176 -24.02 -3.30 -16.00
CA GLY C 176 -23.40 -2.44 -16.99
C GLY C 176 -23.90 -2.66 -18.40
N SER C 177 -24.38 -3.87 -18.69
CA SER C 177 -24.95 -4.16 -20.00
C SER C 177 -26.07 -5.17 -19.83
N TRP C 178 -27.29 -4.78 -20.18
CA TRP C 178 -28.47 -5.59 -19.94
C TRP C 178 -29.07 -6.04 -21.26
N PRO C 179 -29.13 -7.34 -21.54
CA PRO C 179 -29.68 -7.80 -22.82
C PRO C 179 -31.19 -7.69 -22.86
N ASP C 180 -31.70 -7.44 -24.05
CA ASP C 180 -33.14 -7.50 -24.32
C ASP C 180 -33.35 -8.32 -25.59
N PRO C 181 -33.98 -9.50 -25.50
CA PRO C 181 -34.57 -10.02 -24.27
C PRO C 181 -33.55 -10.70 -23.36
N PRO C 182 -33.88 -10.81 -22.07
CA PRO C 182 -32.98 -11.51 -21.13
C PRO C 182 -33.18 -13.01 -21.18
N GLY C 183 -32.05 -13.74 -21.16
CA GLY C 183 -32.09 -15.18 -21.11
C GLY C 183 -32.41 -15.72 -19.72
N LEU C 184 -32.44 -17.06 -19.63
CA LEU C 184 -32.71 -17.72 -18.35
C LEU C 184 -31.72 -17.29 -17.28
N VAL C 185 -30.42 -17.40 -17.58
CA VAL C 185 -29.40 -17.09 -16.60
C VAL C 185 -29.45 -15.62 -16.20
N ALA C 186 -29.74 -14.74 -17.15
CA ALA C 186 -29.67 -13.31 -16.88
C ALA C 186 -30.83 -12.84 -16.01
N ALA C 187 -32.05 -13.26 -16.36
CA ALA C 187 -33.20 -12.87 -15.56
C ALA C 187 -33.12 -13.44 -14.15
N SER C 188 -32.69 -14.70 -14.03
CA SER C 188 -32.50 -15.27 -12.70
C SER C 188 -31.49 -14.45 -11.91
N ASN C 189 -30.31 -14.21 -12.50
CA ASN C 189 -29.27 -13.47 -11.82
C ASN C 189 -29.73 -12.06 -11.42
N ARG C 190 -30.49 -11.39 -12.29
CA ARG C 190 -30.92 -10.03 -11.96
C ARG C 190 -31.84 -10.03 -10.75
N SER C 191 -32.75 -11.00 -10.67
CA SER C 191 -33.60 -11.10 -9.48
C SER C 191 -32.76 -11.39 -8.23
N ALA C 192 -31.76 -12.27 -8.35
CA ALA C 192 -30.94 -12.59 -7.19
C ALA C 192 -30.09 -11.40 -6.77
N LEU C 193 -29.57 -10.65 -7.75
CA LEU C 193 -28.78 -9.47 -7.44
C LEU C 193 -29.61 -8.45 -6.67
N ALA C 194 -30.87 -8.27 -7.06
CA ALA C 194 -31.75 -7.36 -6.35
C ALA C 194 -32.01 -7.80 -4.91
N ARG C 195 -31.83 -9.08 -4.61
CA ARG C 195 -32.00 -9.55 -3.23
C ARG C 195 -30.78 -9.29 -2.36
N ILE C 196 -29.62 -8.99 -2.94
CA ILE C 196 -28.45 -8.67 -2.11
C ILE C 196 -28.05 -7.20 -2.14
N ALA C 197 -28.60 -6.40 -3.07
CA ALA C 197 -28.35 -4.96 -3.05
C ALA C 197 -29.32 -4.25 -3.97
N MET C 198 -29.34 -2.92 -3.84
CA MET C 198 -30.11 -2.05 -4.72
C MET C 198 -29.50 -2.06 -6.12
N VAL C 199 -30.29 -2.45 -7.11
CA VAL C 199 -29.89 -2.34 -8.51
C VAL C 199 -30.35 -0.96 -8.98
N ARG C 200 -29.39 -0.03 -9.11
CA ARG C 200 -29.73 1.36 -9.40
C ARG C 200 -30.17 1.52 -10.85
N ALA C 201 -29.68 0.66 -11.74
CA ALA C 201 -29.97 0.77 -13.16
C ALA C 201 -29.50 -0.50 -13.83
N ALA C 202 -30.00 -0.72 -15.05
CA ALA C 202 -29.60 -1.83 -15.90
C ALA C 202 -29.46 -1.25 -17.31
N LEU C 203 -28.24 -0.92 -17.70
CA LEU C 203 -28.03 -0.19 -18.94
C LEU C 203 -28.21 -1.10 -20.16
N PRO C 204 -28.95 -0.67 -21.18
CA PRO C 204 -29.11 -1.49 -22.39
C PRO C 204 -27.78 -1.77 -23.08
N ALA C 205 -27.66 -2.97 -23.62
CA ALA C 205 -26.46 -3.35 -24.36
C ALA C 205 -26.25 -2.41 -25.55
N GLY C 206 -25.00 -2.06 -25.80
CA GLY C 206 -24.67 -1.16 -26.89
C GLY C 206 -24.80 0.32 -26.60
N ALA C 207 -24.99 0.71 -25.34
CA ALA C 207 -25.18 2.12 -25.03
C ALA C 207 -23.98 2.96 -25.45
N ALA C 208 -22.78 2.36 -25.46
CA ALA C 208 -21.57 3.09 -25.83
C ALA C 208 -21.55 3.53 -27.29
N SER C 209 -22.45 3.02 -28.12
CA SER C 209 -22.51 3.40 -29.52
C SER C 209 -23.67 4.34 -29.81
N LEU C 210 -24.33 4.87 -28.79
CA LEU C 210 -25.39 5.85 -29.02
C LEU C 210 -24.81 7.24 -29.20
N ASP C 211 -25.51 8.06 -29.97
CA ASP C 211 -25.15 9.46 -30.05
C ASP C 211 -25.57 10.18 -28.77
N ALA C 212 -25.09 11.42 -28.62
CA ALA C 212 -25.27 12.16 -27.37
C ALA C 212 -26.73 12.24 -26.94
N GLY C 213 -27.63 12.53 -27.88
CA GLY C 213 -29.03 12.69 -27.53
C GLY C 213 -29.66 11.40 -27.04
N ASP C 214 -29.49 10.32 -27.80
CA ASP C 214 -30.04 9.04 -27.40
C ASP C 214 -29.40 8.55 -26.10
N PHE C 215 -28.10 8.81 -25.91
CA PHE C 215 -27.44 8.37 -24.68
C PHE C 215 -28.01 9.10 -23.47
N ALA C 216 -28.32 10.41 -23.62
CA ALA C 216 -28.83 11.19 -22.49
C ALA C 216 -30.26 10.82 -22.15
N ALA C 217 -31.10 10.54 -23.17
CA ALA C 217 -32.44 10.03 -22.92
C ALA C 217 -32.37 8.67 -22.23
N MET C 218 -31.44 7.82 -22.66
CA MET C 218 -31.30 6.50 -22.05
C MET C 218 -30.90 6.64 -20.58
N SER C 219 -29.89 7.48 -20.31
CA SER C 219 -29.41 7.68 -18.95
C SER C 219 -30.50 8.23 -18.05
N ALA C 220 -31.31 9.16 -18.56
CA ALA C 220 -32.37 9.73 -17.72
C ALA C 220 -33.44 8.70 -17.41
N ALA C 221 -33.70 7.76 -18.32
CA ALA C 221 -34.62 6.67 -18.03
C ALA C 221 -33.96 5.55 -17.22
N ALA C 222 -32.63 5.51 -17.18
CA ALA C 222 -31.96 4.35 -16.58
C ALA C 222 -31.99 4.40 -15.05
N PHE C 223 -31.98 5.58 -14.46
CA PHE C 223 -31.82 5.78 -13.03
C PHE C 223 -33.04 6.45 -12.43
N ASP C 224 -33.13 6.37 -11.10
CA ASP C 224 -34.14 7.09 -10.34
C ASP C 224 -33.65 8.51 -10.10
N ARG C 225 -34.41 9.50 -10.60
CA ARG C 225 -33.97 10.89 -10.48
C ARG C 225 -33.92 11.35 -9.02
N ASN C 226 -34.88 10.90 -8.20
CA ASN C 226 -34.82 11.23 -6.79
C ASN C 226 -33.53 10.70 -6.17
N TRP C 227 -33.13 9.49 -6.55
CA TRP C 227 -31.87 8.93 -6.09
C TRP C 227 -30.68 9.74 -6.60
N VAL C 228 -30.70 10.13 -7.87
CA VAL C 228 -29.57 10.84 -8.44
C VAL C 228 -29.43 12.23 -7.83
N ALA C 229 -30.52 12.98 -7.78
CA ALA C 229 -30.48 14.30 -7.15
C ALA C 229 -30.13 14.21 -5.67
N GLY C 230 -30.51 13.11 -5.02
CA GLY C 230 -30.22 12.92 -3.60
C GLY C 230 -28.77 12.61 -3.29
N LEU C 231 -27.93 12.41 -4.32
CA LEU C 231 -26.53 12.07 -4.06
C LEU C 231 -25.77 13.26 -3.50
N VAL C 232 -26.20 14.47 -3.79
CA VAL C 232 -25.53 15.69 -3.38
C VAL C 232 -26.39 16.42 -2.34
N GLY C 233 -25.73 17.02 -1.36
CA GLY C 233 -26.41 17.77 -0.33
C GLY C 233 -25.48 18.72 0.40
N HIS D 6 -6.13 -37.85 14.63
CA HIS D 6 -6.25 -36.53 14.01
C HIS D 6 -6.94 -36.62 12.63
N GLY D 7 -7.33 -37.84 12.24
CA GLY D 7 -8.07 -38.05 11.00
C GLY D 7 -7.22 -37.86 9.75
N GLY D 8 -7.91 -37.58 8.65
CA GLY D 8 -7.28 -37.32 7.37
C GLY D 8 -7.16 -35.84 7.07
N THR D 9 -6.95 -35.53 5.79
CA THR D 9 -6.84 -34.16 5.32
C THR D 9 -7.96 -33.87 4.32
N ILE D 10 -8.79 -32.88 4.63
CA ILE D 10 -9.85 -32.40 3.75
C ILE D 10 -9.43 -31.06 3.15
N LEU D 11 -9.48 -30.95 1.82
CA LEU D 11 -9.25 -29.71 1.10
C LEU D 11 -10.51 -29.35 0.30
N VAL D 12 -11.01 -28.14 0.47
CA VAL D 12 -11.97 -27.69 -0.53
C VAL D 12 -11.19 -27.08 -1.69
N VAL D 13 -11.72 -27.27 -2.88
CA VAL D 13 -11.11 -26.80 -4.10
C VAL D 13 -12.12 -25.87 -4.73
N THR D 14 -11.79 -24.59 -4.75
CA THR D 14 -12.72 -23.55 -5.16
C THR D 14 -12.09 -22.73 -6.27
N GLY D 15 -12.93 -22.09 -7.07
CA GLY D 15 -12.47 -21.35 -8.24
C GLY D 15 -12.81 -19.88 -8.18
N THR D 16 -11.87 -19.02 -8.60
CA THR D 16 -12.17 -17.59 -8.68
C THR D 16 -13.36 -17.31 -9.58
N GLY D 17 -13.63 -18.18 -10.55
CA GLY D 17 -14.79 -18.02 -11.40
C GLY D 17 -15.27 -19.33 -11.99
N THR D 18 -16.16 -19.26 -12.97
CA THR D 18 -16.59 -20.46 -13.69
C THR D 18 -15.60 -20.79 -14.79
N GLY D 19 -15.49 -22.07 -15.11
CA GLY D 19 -14.65 -22.52 -16.22
C GLY D 19 -13.17 -22.23 -16.07
N VAL D 20 -12.64 -22.39 -14.85
CA VAL D 20 -11.26 -22.04 -14.55
C VAL D 20 -10.36 -23.27 -14.46
N GLY D 21 -10.94 -24.46 -14.51
CA GLY D 21 -10.18 -25.69 -14.44
C GLY D 21 -10.23 -26.40 -13.11
N LYS D 22 -11.28 -26.17 -12.31
CA LYS D 22 -11.41 -26.82 -11.00
C LYS D 22 -11.36 -28.33 -11.12
N THR D 23 -12.17 -28.88 -12.03
CA THR D 23 -12.28 -30.32 -12.14
C THR D 23 -10.92 -30.96 -12.49
N VAL D 24 -10.20 -30.42 -13.49
CA VAL D 24 -8.95 -31.09 -13.81
C VAL D 24 -7.91 -30.84 -12.73
N VAL D 25 -7.97 -29.69 -12.06
CA VAL D 25 -7.12 -29.51 -10.89
C VAL D 25 -7.42 -30.57 -9.84
N CYS D 26 -8.70 -30.85 -9.61
CA CYS D 26 -9.05 -31.92 -8.67
C CYS D 26 -8.47 -33.26 -9.14
N ALA D 27 -8.59 -33.55 -10.44
CA ALA D 27 -8.10 -34.82 -10.98
C ALA D 27 -6.56 -34.86 -11.01
N ALA D 28 -5.91 -33.71 -11.21
CA ALA D 28 -4.44 -33.68 -11.22
C ALA D 28 -3.88 -33.81 -9.82
N LEU D 29 -4.48 -33.12 -8.84
CA LEU D 29 -4.05 -33.34 -7.47
C LEU D 29 -4.38 -34.75 -7.01
N ALA D 30 -5.54 -35.28 -7.40
CA ALA D 30 -5.88 -36.65 -7.04
C ALA D 30 -4.81 -37.61 -7.54
N SER D 31 -4.51 -37.53 -8.84
CA SER D 31 -3.51 -38.42 -9.43
C SER D 31 -2.17 -38.31 -8.73
N ALA D 32 -1.65 -37.08 -8.58
CA ALA D 32 -0.35 -36.89 -7.97
C ALA D 32 -0.30 -37.46 -6.55
N ALA D 33 -1.39 -37.33 -5.80
CA ALA D 33 -1.42 -37.89 -4.45
C ALA D 33 -1.46 -39.41 -4.47
N ARG D 34 -2.23 -39.98 -5.40
CA ARG D 34 -2.29 -41.44 -5.48
C ARG D 34 -0.93 -42.03 -5.83
N GLN D 35 -0.17 -41.36 -6.70
CA GLN D 35 1.16 -41.85 -7.06
C GLN D 35 2.16 -41.75 -5.91
N ALA D 36 1.93 -40.86 -4.95
CA ALA D 36 2.72 -40.82 -3.73
C ALA D 36 2.19 -41.80 -2.69
N GLY D 37 1.30 -42.71 -3.10
CA GLY D 37 0.74 -43.68 -2.17
C GLY D 37 -0.31 -43.14 -1.21
N ILE D 38 -0.97 -42.05 -1.57
CA ILE D 38 -2.03 -41.46 -0.75
C ILE D 38 -3.37 -41.91 -1.29
N ASP D 39 -4.26 -42.33 -0.39
CA ASP D 39 -5.64 -42.61 -0.75
C ASP D 39 -6.40 -41.30 -0.93
N VAL D 40 -7.20 -41.24 -1.99
CA VAL D 40 -7.87 -40.01 -2.40
C VAL D 40 -9.35 -40.26 -2.57
N ALA D 41 -10.18 -39.40 -1.99
CA ALA D 41 -11.61 -39.32 -2.27
C ALA D 41 -11.95 -37.93 -2.79
N VAL D 42 -13.01 -37.85 -3.58
CA VAL D 42 -13.47 -36.58 -4.14
C VAL D 42 -14.96 -36.48 -3.93
N CYS D 43 -15.41 -35.35 -3.41
CA CYS D 43 -16.80 -35.08 -3.14
C CYS D 43 -17.21 -33.86 -3.95
N LYS D 44 -18.25 -34.02 -4.77
CA LYS D 44 -18.91 -32.93 -5.47
C LYS D 44 -20.35 -32.93 -4.96
N PRO D 45 -20.64 -32.22 -3.88
CA PRO D 45 -21.99 -32.33 -3.29
C PRO D 45 -23.10 -31.94 -4.25
N VAL D 46 -22.92 -30.89 -5.04
CA VAL D 46 -23.97 -30.43 -5.95
C VAL D 46 -23.37 -30.31 -7.35
N GLN D 47 -23.99 -30.98 -8.32
CA GLN D 47 -23.61 -30.93 -9.72
C GLN D 47 -24.70 -30.24 -10.53
N THR D 48 -24.30 -29.28 -11.37
CA THR D 48 -25.20 -28.63 -12.32
C THR D 48 -24.78 -28.98 -13.74
N GLY D 49 -25.61 -28.57 -14.69
CA GLY D 49 -25.34 -28.78 -16.11
C GLY D 49 -25.36 -30.21 -16.60
N THR D 50 -26.12 -31.10 -15.96
CA THR D 50 -26.14 -32.49 -16.39
C THR D 50 -26.74 -32.67 -17.77
N ALA D 51 -27.63 -31.77 -18.21
CA ALA D 51 -28.27 -31.89 -19.51
C ALA D 51 -27.25 -31.80 -20.65
N ARG D 52 -26.22 -30.97 -20.49
CA ARG D 52 -25.11 -30.96 -21.42
C ARG D 52 -24.02 -31.95 -21.02
N GLY D 53 -24.33 -32.87 -20.10
CA GLY D 53 -23.43 -33.97 -19.79
C GLY D 53 -22.32 -33.67 -18.81
N ASP D 54 -22.48 -32.65 -17.96
CA ASP D 54 -21.47 -32.38 -16.94
C ASP D 54 -21.48 -33.48 -15.89
N ASP D 55 -20.30 -34.04 -15.64
CA ASP D 55 -20.15 -35.04 -14.58
C ASP D 55 -18.71 -34.90 -14.09
N ASP D 56 -18.50 -33.98 -13.15
CA ASP D 56 -17.15 -33.73 -12.67
C ASP D 56 -16.58 -34.96 -11.96
N LEU D 57 -17.42 -35.68 -11.22
CA LEU D 57 -16.95 -36.91 -10.56
C LEU D 57 -16.48 -37.95 -11.57
N ALA D 58 -17.21 -38.11 -12.69
CA ALA D 58 -16.79 -39.07 -13.71
C ALA D 58 -15.46 -38.66 -14.34
N GLU D 59 -15.29 -37.38 -14.63
CA GLU D 59 -14.02 -36.88 -15.14
C GLU D 59 -12.87 -37.16 -14.16
N VAL D 60 -13.12 -37.00 -12.86
CA VAL D 60 -12.04 -37.30 -11.91
C VAL D 60 -11.76 -38.80 -11.89
N GLY D 61 -12.81 -39.64 -11.92
CA GLY D 61 -12.58 -41.07 -12.01
C GLY D 61 -11.77 -41.44 -13.23
N ARG D 62 -12.14 -40.90 -14.40
CA ARG D 62 -11.48 -41.24 -15.64
C ARG D 62 -10.01 -40.80 -15.66
N LEU D 63 -9.75 -39.52 -15.36
CA LEU D 63 -8.38 -39.02 -15.43
C LEU D 63 -7.50 -39.56 -14.29
N ALA D 64 -8.08 -39.85 -13.12
CA ALA D 64 -7.23 -40.21 -11.98
C ALA D 64 -7.56 -41.56 -11.33
N GLY D 65 -8.62 -42.25 -11.76
CA GLY D 65 -8.86 -43.54 -11.16
C GLY D 65 -9.35 -43.55 -9.73
N VAL D 66 -9.70 -42.38 -9.16
CA VAL D 66 -10.41 -42.36 -7.88
C VAL D 66 -11.68 -43.20 -8.01
N THR D 67 -11.98 -44.00 -6.98
CA THR D 67 -13.24 -44.73 -6.88
C THR D 67 -14.20 -44.16 -5.84
N GLN D 68 -13.69 -43.54 -4.78
CA GLN D 68 -14.53 -42.91 -3.75
C GLN D 68 -14.92 -41.53 -4.26
N LEU D 69 -16.04 -41.49 -4.94
CA LEU D 69 -16.55 -40.33 -5.66
C LEU D 69 -17.96 -40.11 -5.13
N ALA D 70 -18.14 -39.03 -4.36
CA ALA D 70 -19.34 -38.83 -3.58
C ALA D 70 -20.07 -37.55 -4.00
N GLY D 71 -21.39 -37.65 -4.10
CA GLY D 71 -22.22 -36.50 -4.43
C GLY D 71 -23.63 -36.70 -3.94
N LEU D 72 -24.37 -35.59 -3.88
CA LEU D 72 -25.70 -35.59 -3.28
C LEU D 72 -26.82 -35.20 -4.23
N ALA D 73 -26.54 -34.39 -5.24
CA ALA D 73 -27.60 -33.77 -6.04
C ALA D 73 -27.06 -33.42 -7.41
N ARG D 74 -27.91 -33.55 -8.41
CA ARG D 74 -27.56 -33.27 -9.79
C ARG D 74 -28.70 -32.48 -10.42
N TYR D 75 -28.39 -31.31 -11.00
CA TYR D 75 -29.40 -30.51 -11.67
C TYR D 75 -29.10 -30.37 -13.17
N PRO D 76 -30.11 -30.43 -14.03
CA PRO D 76 -29.85 -30.38 -15.48
C PRO D 76 -29.43 -29.01 -16.00
N GLN D 77 -29.85 -27.93 -15.36
CA GLN D 77 -29.63 -26.62 -15.96
C GLN D 77 -28.21 -26.12 -15.69
N PRO D 78 -27.55 -25.50 -16.69
CA PRO D 78 -26.19 -25.01 -16.45
C PRO D 78 -26.22 -23.65 -15.74
N MET D 79 -26.58 -23.69 -14.47
CA MET D 79 -26.74 -22.47 -13.69
C MET D 79 -26.01 -22.63 -12.36
N ALA D 80 -26.02 -21.57 -11.58
CA ALA D 80 -25.74 -21.67 -10.15
C ALA D 80 -26.64 -22.72 -9.51
N PRO D 81 -26.17 -23.42 -8.49
CA PRO D 81 -27.03 -24.37 -7.76
C PRO D 81 -28.42 -23.86 -7.42
N ALA D 82 -28.50 -22.74 -6.69
CA ALA D 82 -29.80 -22.21 -6.30
C ALA D 82 -30.68 -21.94 -7.51
N ALA D 83 -30.09 -21.41 -8.58
CA ALA D 83 -30.89 -21.11 -9.77
C ALA D 83 -31.31 -22.37 -10.50
N ALA D 84 -30.39 -23.35 -10.64
CA ALA D 84 -30.77 -24.62 -11.24
C ALA D 84 -31.83 -25.31 -10.39
N ALA D 85 -31.67 -25.26 -9.06
CA ALA D 85 -32.68 -25.82 -8.18
C ALA D 85 -34.00 -25.08 -8.31
N GLU D 86 -33.97 -23.74 -8.44
CA GLU D 86 -35.23 -23.03 -8.56
C GLU D 86 -35.92 -23.37 -9.87
N HIS D 87 -35.15 -23.47 -10.96
CA HIS D 87 -35.75 -23.82 -12.25
C HIS D 87 -36.29 -25.25 -12.23
N ALA D 88 -35.58 -26.17 -11.57
CA ALA D 88 -36.04 -27.54 -11.45
C ALA D 88 -37.24 -27.65 -10.52
N GLY D 89 -37.48 -26.65 -9.68
CA GLY D 89 -38.53 -26.75 -8.71
C GLY D 89 -38.22 -27.65 -7.53
N MET D 90 -36.94 -27.97 -7.32
CA MET D 90 -36.53 -28.84 -6.23
C MET D 90 -35.45 -28.15 -5.42
N ALA D 91 -35.51 -28.28 -4.11
CA ALA D 91 -34.59 -27.54 -3.25
C ALA D 91 -33.20 -28.16 -3.30
N LEU D 92 -32.22 -27.37 -2.85
CA LEU D 92 -30.84 -27.83 -2.70
C LEU D 92 -30.74 -28.84 -1.55
N PRO D 93 -29.69 -29.68 -1.52
CA PRO D 93 -29.49 -30.51 -0.33
C PRO D 93 -29.34 -29.63 0.90
N ALA D 94 -29.50 -30.23 2.07
CA ALA D 94 -29.43 -29.47 3.31
C ALA D 94 -28.00 -29.43 3.84
N ARG D 95 -27.70 -28.39 4.64
CA ARG D 95 -26.36 -28.19 5.16
C ARG D 95 -25.90 -29.40 5.96
N ASP D 96 -26.83 -30.02 6.69
CA ASP D 96 -26.59 -31.29 7.36
C ASP D 96 -25.97 -32.32 6.42
N GLN D 97 -26.61 -32.53 5.27
CA GLN D 97 -26.19 -33.59 4.38
C GLN D 97 -24.79 -33.35 3.87
N ILE D 98 -24.48 -32.11 3.49
CA ILE D 98 -23.20 -31.82 2.86
C ILE D 98 -22.06 -32.04 3.84
N VAL D 99 -22.19 -31.46 5.04
CA VAL D 99 -21.13 -31.54 6.03
C VAL D 99 -20.95 -32.96 6.54
N ARG D 100 -22.05 -33.64 6.84
CA ARG D 100 -21.93 -35.01 7.35
C ARG D 100 -21.44 -35.98 6.28
N LEU D 101 -21.76 -35.74 5.01
CA LEU D 101 -21.23 -36.57 3.95
C LEU D 101 -19.72 -36.47 3.88
N ILE D 102 -19.18 -35.24 3.94
CA ILE D 102 -17.74 -35.02 3.84
C ILE D 102 -17.02 -35.59 5.06
N ALA D 103 -17.63 -35.41 6.25
CA ALA D 103 -16.97 -35.85 7.47
C ALA D 103 -16.82 -37.37 7.48
N ASP D 104 -17.75 -38.09 6.86
CA ASP D 104 -17.67 -39.54 6.85
C ASP D 104 -16.74 -40.09 5.78
N LEU D 105 -16.49 -39.31 4.71
CA LEU D 105 -15.45 -39.65 3.75
C LEU D 105 -14.06 -39.60 4.36
N ASP D 106 -13.84 -38.64 5.24
CA ASP D 106 -12.54 -38.39 5.83
C ASP D 106 -12.09 -39.60 6.65
N ARG D 107 -10.82 -39.99 6.51
CA ARG D 107 -10.28 -41.05 7.34
C ARG D 107 -8.75 -40.92 7.39
N PRO D 108 -8.10 -41.55 8.35
CA PRO D 108 -6.63 -41.48 8.43
C PRO D 108 -5.98 -41.96 7.13
N GLY D 109 -4.97 -41.21 6.70
CA GLY D 109 -4.24 -41.53 5.49
C GLY D 109 -4.88 -41.09 4.19
N ARG D 110 -6.03 -40.41 4.24
CA ARG D 110 -6.77 -40.08 3.02
C ARG D 110 -6.82 -38.56 2.82
N LEU D 111 -6.60 -38.14 1.60
CA LEU D 111 -6.83 -36.79 1.15
C LEU D 111 -8.21 -36.75 0.51
N THR D 112 -9.11 -35.99 1.11
CA THR D 112 -10.46 -35.83 0.59
C THR D 112 -10.60 -34.43 0.01
N LEU D 113 -10.89 -34.37 -1.29
CA LEU D 113 -11.08 -33.12 -2.02
C LEU D 113 -12.57 -32.84 -2.17
N VAL D 114 -12.97 -31.61 -1.84
CA VAL D 114 -14.35 -31.18 -1.97
C VAL D 114 -14.42 -30.14 -3.07
N GLU D 115 -15.04 -30.49 -4.20
CA GLU D 115 -15.15 -29.55 -5.30
C GLU D 115 -16.45 -28.78 -5.18
N GLY D 116 -16.35 -27.45 -5.21
CA GLY D 116 -17.52 -26.59 -5.16
C GLY D 116 -18.21 -26.50 -6.51
N ALA D 117 -19.19 -25.60 -6.55
CA ALA D 117 -19.92 -25.30 -7.78
C ALA D 117 -19.77 -23.81 -8.01
N GLY D 118 -19.08 -23.43 -9.09
CA GLY D 118 -18.83 -22.03 -9.39
C GLY D 118 -17.74 -21.40 -8.54
N GLY D 119 -18.14 -20.55 -7.60
CA GLY D 119 -17.21 -19.81 -6.78
C GLY D 119 -17.40 -20.07 -5.30
N LEU D 120 -16.51 -19.44 -4.50
CA LEU D 120 -16.43 -19.73 -3.07
C LEU D 120 -17.70 -19.35 -2.33
N LEU D 121 -18.41 -18.32 -2.79
CA LEU D 121 -19.60 -17.83 -2.11
C LEU D 121 -20.90 -18.22 -2.82
N VAL D 122 -20.83 -19.03 -3.88
CA VAL D 122 -22.04 -19.63 -4.44
C VAL D 122 -22.79 -20.38 -3.34
N GLU D 123 -24.11 -20.28 -3.36
CA GLU D 123 -24.91 -21.00 -2.37
C GLU D 123 -24.96 -22.50 -2.71
N LEU D 124 -24.46 -23.34 -1.81
CA LEU D 124 -24.48 -24.78 -2.04
C LEU D 124 -25.64 -25.50 -1.37
N ALA D 125 -26.12 -24.98 -0.24
CA ALA D 125 -27.18 -25.64 0.49
C ALA D 125 -28.15 -24.58 1.01
N GLU D 126 -29.29 -25.05 1.49
CA GLU D 126 -30.21 -24.16 2.19
C GLU D 126 -29.91 -24.17 3.69
N PRO D 127 -29.95 -23.02 4.35
CA PRO D 127 -30.23 -21.69 3.77
C PRO D 127 -29.02 -20.75 3.67
N GLY D 128 -28.56 -20.51 2.45
CA GLY D 128 -27.46 -19.59 2.23
C GLY D 128 -26.07 -20.16 2.48
N VAL D 129 -25.96 -21.47 2.60
CA VAL D 129 -24.70 -22.12 2.98
C VAL D 129 -23.76 -22.16 1.77
N THR D 130 -22.54 -21.72 1.98
CA THR D 130 -21.52 -21.67 0.94
C THR D 130 -20.44 -22.69 1.23
N LEU D 131 -19.62 -22.93 0.22
CA LEU D 131 -18.44 -23.77 0.42
C LEU D 131 -17.53 -23.24 1.53
N ARG D 132 -17.51 -21.92 1.76
CA ARG D 132 -16.72 -21.38 2.88
C ARG D 132 -17.24 -21.89 4.22
N ASP D 133 -18.57 -21.85 4.39
CA ASP D 133 -19.18 -22.41 5.59
C ASP D 133 -18.81 -23.87 5.77
N VAL D 134 -18.88 -24.66 4.69
CA VAL D 134 -18.55 -26.08 4.78
C VAL D 134 -17.10 -26.25 5.22
N ALA D 135 -16.21 -25.42 4.67
CA ALA D 135 -14.79 -25.51 4.99
C ALA D 135 -14.53 -25.28 6.47
N VAL D 136 -15.17 -24.26 7.05
CA VAL D 136 -15.09 -24.04 8.49
C VAL D 136 -15.55 -25.30 9.22
N ASP D 137 -16.75 -25.79 8.88
CA ASP D 137 -17.39 -26.85 9.65
C ASP D 137 -16.63 -28.16 9.66
N VAL D 138 -15.86 -28.48 8.61
CA VAL D 138 -15.03 -29.69 8.62
C VAL D 138 -13.56 -29.36 8.83
N ALA D 139 -13.23 -28.10 9.12
CA ALA D 139 -11.86 -27.63 9.32
C ALA D 139 -10.96 -27.99 8.13
N ALA D 140 -11.45 -27.71 6.92
CA ALA D 140 -10.70 -27.93 5.69
C ALA D 140 -10.00 -26.64 5.31
N ALA D 141 -8.80 -26.76 4.74
CA ALA D 141 -8.14 -25.66 4.05
C ALA D 141 -8.65 -25.57 2.61
N ALA D 142 -8.30 -24.47 1.94
CA ALA D 142 -8.88 -24.15 0.64
C ALA D 142 -7.77 -24.03 -0.40
N LEU D 143 -7.87 -24.83 -1.44
CA LEU D 143 -7.02 -24.70 -2.62
C LEU D 143 -7.80 -23.90 -3.65
N VAL D 144 -7.20 -22.82 -4.15
CA VAL D 144 -7.91 -21.85 -4.98
C VAL D 144 -7.42 -22.00 -6.42
N VAL D 145 -8.34 -22.27 -7.34
CA VAL D 145 -8.03 -22.41 -8.76
C VAL D 145 -8.27 -21.08 -9.44
N VAL D 146 -7.27 -20.60 -10.17
CA VAL D 146 -7.25 -19.25 -10.74
C VAL D 146 -6.81 -19.33 -12.20
N THR D 147 -7.19 -18.31 -12.99
CA THR D 147 -6.67 -18.19 -14.35
C THR D 147 -5.36 -17.39 -14.36
N ALA D 148 -4.77 -17.26 -15.55
CA ALA D 148 -3.64 -16.36 -15.73
C ALA D 148 -4.04 -15.14 -16.55
N ASP D 149 -5.33 -14.98 -16.85
CA ASP D 149 -5.85 -13.90 -17.67
C ASP D 149 -6.01 -12.61 -16.88
N LEU D 150 -6.28 -11.52 -17.61
CA LEU D 150 -6.54 -10.22 -17.01
C LEU D 150 -7.68 -10.30 -16.00
N GLY D 151 -7.47 -9.71 -14.83
CA GLY D 151 -8.47 -9.73 -13.78
C GLY D 151 -8.26 -10.80 -12.73
N THR D 152 -7.32 -11.71 -12.95
CA THR D 152 -7.09 -12.77 -11.98
C THR D 152 -6.52 -12.23 -10.68
N LEU D 153 -5.77 -11.13 -10.73
CA LEU D 153 -5.14 -10.65 -9.51
C LEU D 153 -6.20 -10.11 -8.55
N ASN D 154 -7.22 -9.46 -9.09
CA ASN D 154 -8.32 -8.94 -8.29
C ASN D 154 -9.17 -10.07 -7.72
N HIS D 155 -9.57 -11.03 -8.57
CA HIS D 155 -10.37 -12.17 -8.11
C HIS D 155 -9.61 -13.01 -7.10
N THR D 156 -8.31 -13.22 -7.31
CA THR D 156 -7.54 -13.99 -6.35
C THR D 156 -7.48 -13.27 -5.01
N LYS D 157 -7.20 -11.96 -5.02
CA LYS D 157 -7.13 -11.21 -3.77
C LYS D 157 -8.47 -11.20 -3.05
N LEU D 158 -9.55 -10.97 -3.79
CA LEU D 158 -10.89 -10.98 -3.18
C LEU D 158 -11.24 -12.34 -2.57
N THR D 159 -10.97 -13.42 -3.30
CA THR D 159 -11.21 -14.76 -2.75
C THR D 159 -10.37 -15.00 -1.51
N LEU D 160 -9.10 -14.58 -1.53
CA LEU D 160 -8.22 -14.82 -0.40
C LEU D 160 -8.66 -14.03 0.83
N GLU D 161 -9.13 -12.80 0.64
N GLU D 161 -9.16 -12.82 0.64
CA GLU D 161 -9.70 -12.06 1.76
CA GLU D 161 -9.69 -12.08 1.78
C GLU D 161 -10.94 -12.75 2.31
C GLU D 161 -10.96 -12.73 2.31
N ALA D 162 -11.79 -13.28 1.43
CA ALA D 162 -13.00 -13.97 1.86
C ALA D 162 -12.66 -15.18 2.72
N LEU D 163 -11.61 -15.91 2.36
CA LEU D 163 -11.15 -17.05 3.13
C LEU D 163 -10.60 -16.61 4.48
N ALA D 164 -9.79 -15.55 4.49
CA ALA D 164 -9.19 -15.07 5.73
C ALA D 164 -10.25 -14.53 6.68
N ALA D 165 -11.33 -13.96 6.14
CA ALA D 165 -12.32 -13.35 7.01
C ALA D 165 -12.93 -14.39 7.96
N GLN D 166 -13.00 -15.65 7.53
CA GLN D 166 -13.56 -16.73 8.34
C GLN D 166 -12.50 -17.71 8.82
N GLN D 167 -11.23 -17.30 8.78
CA GLN D 167 -10.10 -18.10 9.26
C GLN D 167 -10.00 -19.44 8.55
N VAL D 168 -10.31 -19.47 7.25
CA VAL D 168 -10.06 -20.66 6.46
C VAL D 168 -8.67 -20.54 5.85
N SER D 169 -7.79 -21.48 6.20
CA SER D 169 -6.44 -21.44 5.69
C SER D 169 -6.42 -21.62 4.18
N CYS D 170 -5.51 -20.92 3.49
CA CYS D 170 -5.34 -21.07 2.06
C CYS D 170 -4.20 -22.06 1.80
N ALA D 171 -4.51 -23.15 1.11
CA ALA D 171 -3.48 -24.14 0.83
C ALA D 171 -2.60 -23.78 -0.36
N GLY D 172 -2.88 -22.66 -1.03
CA GLY D 172 -2.15 -22.23 -2.20
C GLY D 172 -3.07 -22.03 -3.38
N LEU D 173 -2.47 -21.70 -4.51
CA LEU D 173 -3.16 -21.49 -5.78
C LEU D 173 -2.72 -22.53 -6.80
N VAL D 174 -3.61 -22.81 -7.74
CA VAL D 174 -3.27 -23.59 -8.92
C VAL D 174 -3.79 -22.83 -10.13
N ILE D 175 -2.90 -22.52 -11.07
CA ILE D 175 -3.38 -22.01 -12.35
C ILE D 175 -3.95 -23.19 -13.12
N GLY D 176 -5.26 -23.17 -13.37
CA GLY D 176 -5.94 -24.35 -13.91
C GLY D 176 -5.64 -24.64 -15.37
N SER D 177 -5.16 -23.65 -16.12
CA SER D 177 -4.87 -23.81 -17.54
C SER D 177 -3.76 -22.85 -17.91
N TRP D 178 -2.55 -23.39 -18.12
CA TRP D 178 -1.40 -22.58 -18.47
C TRP D 178 -1.18 -22.62 -19.98
N PRO D 179 -1.15 -21.48 -20.66
CA PRO D 179 -1.06 -21.50 -22.12
C PRO D 179 0.36 -21.78 -22.61
N ASP D 180 0.41 -22.21 -23.87
N ASP D 180 0.44 -22.28 -23.83
CA ASP D 180 1.66 -22.54 -24.56
CA ASP D 180 1.71 -22.50 -24.50
C ASP D 180 1.58 -21.98 -25.97
C ASP D 180 1.59 -21.97 -25.94
N PRO D 181 2.25 -20.86 -26.27
CA PRO D 181 3.11 -20.13 -25.32
C PRO D 181 2.34 -19.06 -24.53
N PRO D 182 2.92 -18.57 -23.43
CA PRO D 182 2.26 -17.53 -22.64
C PRO D 182 2.45 -16.14 -23.25
N GLY D 183 1.35 -15.43 -23.44
CA GLY D 183 1.39 -14.04 -23.87
C GLY D 183 1.82 -13.12 -22.73
N LEU D 184 1.73 -11.81 -23.02
CA LEU D 184 2.25 -10.83 -22.08
C LEU D 184 1.51 -10.88 -20.75
N VAL D 185 0.18 -10.82 -20.80
CA VAL D 185 -0.64 -10.79 -19.59
C VAL D 185 -0.46 -12.06 -18.78
N ALA D 186 -0.43 -13.22 -19.45
CA ALA D 186 -0.33 -14.49 -18.72
C ALA D 186 1.01 -14.59 -17.98
N ALA D 187 2.10 -14.28 -18.68
CA ALA D 187 3.42 -14.36 -18.04
C ALA D 187 3.54 -13.37 -16.90
N SER D 188 3.00 -12.16 -17.08
CA SER D 188 3.01 -11.18 -16.00
C SER D 188 2.24 -11.69 -14.78
N ASN D 189 1.08 -12.30 -15.03
CA ASN D 189 0.20 -12.72 -13.95
C ASN D 189 0.77 -13.88 -13.15
N ARG D 190 1.55 -14.77 -13.78
CA ARG D 190 2.11 -15.88 -13.02
C ARG D 190 3.15 -15.39 -12.02
N SER D 191 3.94 -14.37 -12.38
CA SER D 191 4.84 -13.74 -11.42
C SER D 191 4.07 -13.03 -10.32
N ALA D 192 3.04 -12.28 -10.71
CA ALA D 192 2.27 -11.50 -9.73
C ALA D 192 1.55 -12.43 -8.75
N LEU D 193 0.87 -13.46 -9.26
CA LEU D 193 0.18 -14.41 -8.40
C LEU D 193 1.12 -15.04 -7.38
N ALA D 194 2.37 -15.29 -7.78
CA ALA D 194 3.33 -15.94 -6.89
C ALA D 194 3.82 -15.02 -5.79
N ARG D 195 3.64 -13.70 -5.93
CA ARG D 195 3.85 -12.78 -4.83
C ARG D 195 2.63 -12.65 -3.95
N ILE D 196 1.45 -13.04 -4.47
CA ILE D 196 0.25 -13.13 -3.65
C ILE D 196 0.31 -14.37 -2.74
N ALA D 197 0.44 -15.55 -3.32
CA ALA D 197 0.45 -16.76 -2.52
C ALA D 197 1.31 -17.81 -3.22
N MET D 198 1.41 -18.99 -2.59
CA MET D 198 2.15 -20.10 -3.18
C MET D 198 1.38 -20.62 -4.40
N VAL D 199 2.03 -20.61 -5.56
CA VAL D 199 1.48 -21.21 -6.78
C VAL D 199 1.89 -22.69 -6.76
N ARG D 200 0.94 -23.55 -6.38
CA ARG D 200 1.25 -24.97 -6.23
C ARG D 200 1.54 -25.64 -7.57
N ALA D 201 0.90 -25.18 -8.64
CA ALA D 201 1.06 -25.78 -9.95
C ALA D 201 0.39 -24.90 -10.99
N ALA D 202 0.74 -25.14 -12.25
CA ALA D 202 0.10 -24.50 -13.40
C ALA D 202 -0.14 -25.59 -14.44
N LEU D 203 -1.36 -26.01 -14.60
CA LEU D 203 -1.57 -27.20 -15.39
C LEU D 203 -1.63 -26.86 -16.87
N PRO D 204 -0.97 -27.66 -17.72
CA PRO D 204 -0.99 -27.40 -19.16
C PRO D 204 -2.41 -27.33 -19.72
N ALA D 205 -2.57 -26.49 -20.74
CA ALA D 205 -3.87 -26.05 -21.23
C ALA D 205 -4.73 -27.18 -21.81
N GLY D 206 -4.18 -28.36 -22.08
CA GLY D 206 -5.00 -29.39 -22.68
C GLY D 206 -5.11 -30.68 -21.90
N ALA D 207 -5.04 -30.58 -20.56
CA ALA D 207 -4.88 -31.77 -19.73
C ALA D 207 -6.10 -32.68 -19.71
N ALA D 208 -7.29 -32.15 -20.03
CA ALA D 208 -8.48 -33.00 -19.96
C ALA D 208 -8.54 -34.02 -21.08
N SER D 209 -7.70 -33.88 -22.11
CA SER D 209 -7.70 -34.80 -23.23
C SER D 209 -6.58 -35.83 -23.17
N LEU D 210 -5.63 -35.67 -22.25
CA LEU D 210 -4.62 -36.70 -22.05
C LEU D 210 -5.27 -38.00 -21.58
N ASP D 211 -4.61 -39.12 -21.88
CA ASP D 211 -5.07 -40.40 -21.37
C ASP D 211 -4.64 -40.56 -19.91
N ALA D 212 -5.17 -41.58 -19.26
CA ALA D 212 -4.85 -41.79 -17.84
C ALA D 212 -3.36 -42.00 -17.62
N GLY D 213 -2.62 -42.41 -18.65
CA GLY D 213 -1.19 -42.57 -18.54
C GLY D 213 -0.43 -41.26 -18.58
N ASP D 214 -0.68 -40.45 -19.61
CA ASP D 214 0.03 -39.17 -19.71
C ASP D 214 -0.45 -38.17 -18.67
N PHE D 215 -1.75 -38.18 -18.38
CA PHE D 215 -2.28 -37.36 -17.29
C PHE D 215 -1.52 -37.65 -16.00
N ALA D 216 -1.36 -38.94 -15.67
CA ALA D 216 -0.65 -39.32 -14.46
C ALA D 216 0.78 -38.80 -14.46
N ALA D 217 1.41 -38.70 -15.64
CA ALA D 217 2.78 -38.21 -15.72
C ALA D 217 2.82 -36.69 -15.65
N MET D 218 1.87 -36.02 -16.31
CA MET D 218 1.72 -34.58 -16.14
C MET D 218 1.52 -34.22 -14.67
N SER D 219 0.61 -34.93 -14.00
CA SER D 219 0.21 -34.54 -12.64
C SER D 219 1.35 -34.68 -11.66
N ALA D 220 2.13 -35.76 -11.78
CA ALA D 220 3.26 -35.96 -10.88
C ALA D 220 4.37 -34.95 -11.13
N ALA D 221 4.45 -34.40 -12.34
CA ALA D 221 5.40 -33.33 -12.62
C ALA D 221 4.88 -31.95 -12.25
N ALA D 222 3.56 -31.76 -12.25
CA ALA D 222 3.01 -30.41 -12.06
C ALA D 222 3.11 -29.94 -10.62
N PHE D 223 3.14 -30.86 -9.67
CA PHE D 223 3.18 -30.51 -8.26
C PHE D 223 4.54 -30.86 -7.67
N ASP D 224 4.89 -30.18 -6.58
CA ASP D 224 6.06 -30.55 -5.81
C ASP D 224 5.72 -31.78 -4.96
N ARG D 225 6.42 -32.88 -5.21
CA ARG D 225 6.11 -34.13 -4.50
C ARG D 225 6.19 -33.95 -2.98
N ASN D 226 7.10 -33.10 -2.50
CA ASN D 226 7.20 -32.87 -1.07
C ASN D 226 5.93 -32.21 -0.53
N TRP D 227 5.34 -31.30 -1.30
CA TRP D 227 4.09 -30.67 -0.86
C TRP D 227 2.95 -31.68 -0.86
N VAL D 228 2.74 -32.35 -2.00
CA VAL D 228 1.74 -33.41 -2.11
C VAL D 228 1.88 -34.41 -0.97
N ALA D 229 3.09 -34.98 -0.81
CA ALA D 229 3.30 -35.99 0.21
C ALA D 229 2.98 -35.45 1.60
N GLY D 230 3.28 -34.18 1.85
CA GLY D 230 3.04 -33.60 3.15
C GLY D 230 1.60 -33.23 3.44
N LEU D 231 0.71 -33.28 2.43
CA LEU D 231 -0.70 -33.05 2.70
C LEU D 231 -1.25 -34.07 3.68
N VAL D 232 -0.65 -35.27 3.70
CA VAL D 232 -0.98 -36.44 4.53
C VAL D 232 -2.46 -36.75 4.41
S SO4 E . 9.85 9.85 22.08
O1 SO4 E . 9.64 9.66 20.63
O2 SO4 E . 9.32 8.68 22.77
O3 SO4 E . 9.17 11.06 22.55
O4 SO4 E . 11.27 9.98 22.30
O5' GEO F . 7.54 13.91 22.74
C5' GEO F . 8.65 14.27 23.50
C4' GEO F . 8.18 14.74 24.88
O4' GEO F . 7.13 15.49 24.78
C1' GEO F . 6.02 14.99 25.85
N1 GEO F . 4.73 14.75 25.14
C6 GEO F . 4.79 14.38 23.87
C5 GEO F . 3.62 14.18 23.16
C4 GEO F . 2.42 14.39 23.80
N3 GEO F . 2.42 14.76 25.09
C2 GEO F . 3.55 14.95 25.74
O2 GEO F . 3.51 15.29 26.87
N4 GEO F . 1.16 14.18 23.09
C2' GEO F . 6.58 13.98 26.55
F1 GEO F . 7.12 14.47 27.70
F2 GEO F . 5.73 12.95 26.80
C3' GEO F . 7.69 13.46 25.70
O3' GEO F . 8.71 12.96 26.45
S SO4 G . 19.08 24.89 6.14
O1 SO4 G . 19.36 23.46 6.11
O2 SO4 G . 17.66 25.11 6.42
O3 SO4 G . 19.88 25.51 7.21
O4 SO4 G . 19.44 25.47 4.86
O5' GEO H . 20.53 25.90 10.05
C5' GEO H . 20.09 26.61 11.16
C4' GEO H . 20.90 27.90 11.30
O4' GEO H . 22.05 27.66 11.83
C1' GEO H . 23.10 28.66 11.13
N1 GEO H . 24.34 27.91 10.84
C6 GEO H . 24.28 26.66 10.38
C5 GEO H . 25.46 25.99 10.15
C4 GEO H . 26.65 26.64 10.40
N3 GEO H . 26.63 27.89 10.86
C2 GEO H . 25.49 28.51 11.08
O2 GEO H . 25.51 29.63 11.51
N4 GEO H . 27.91 25.99 10.19
C2' GEO H . 22.48 29.23 10.08
F1 GEO H . 22.14 30.50 10.41
F2 GEO H . 23.22 29.23 8.95
C3' GEO H . 21.25 28.41 9.85
O3' GEO H . 20.23 29.19 9.39
S SO4 I . -15.03 -1.52 -18.57
O1 SO4 I . -15.97 -2.07 -19.55
O2 SO4 I . -15.41 -2.03 -17.24
O3 SO4 I . -15.09 -0.06 -18.61
O4 SO4 I . -13.67 -1.97 -18.84
S SO4 J . -14.32 -25.68 -14.13
O1 SO4 J . -14.56 -26.96 -13.47
O2 SO4 J . -13.73 -25.90 -15.44
O3 SO4 J . -13.38 -24.90 -13.31
O4 SO4 J . -15.56 -24.94 -14.27
O5' GEO K . -12.86 -24.87 -17.70
C5' GEO K . -11.96 -25.90 -17.92
C4' GEO K . -12.08 -26.33 -19.38
O4' GEO K . -10.93 -26.32 -19.98
C1' GEO K . -10.40 -27.85 -20.07
N1 GEO K . -9.08 -27.89 -19.42
C6 GEO K . -8.83 -27.02 -18.44
C5 GEO K . -7.61 -27.02 -17.83
C4 GEO K . -6.65 -27.91 -18.26
N3 GEO K . -6.94 -28.76 -19.25
C2 GEO K . -8.14 -28.74 -19.84
O2 GEO K . -8.37 -29.49 -20.73
N4 GEO K . -5.35 -27.92 -17.62
C2' GEO K . -11.37 -28.66 -19.56
F1 GEO K . -11.59 -29.71 -20.41
F2 GEO K . -11.05 -29.13 -18.31
C3' GEO K . -12.60 -27.82 -19.47
O3' GEO K . -13.36 -27.98 -20.59
#